data_2E50
#
_entry.id   2E50
#
_cell.length_a   60.913
_cell.length_b   64.435
_cell.length_c   124.421
_cell.angle_alpha   90.00
_cell.angle_beta   90.85
_cell.angle_gamma   90.00
#
_symmetry.space_group_name_H-M   'P 1 21 1'
#
loop_
_entity.id
_entity.type
_entity.pdbx_description
1 polymer 'Protein SET'
2 branched alpha-D-glucopyranose-(1-1)-alpha-D-glucopyranose
3 water water
#
_entity_poly.entity_id   1
_entity_poly.type   'polypeptide(L)'
_entity_poly.pdbx_seq_one_letter_code
;MSAQAAKVSKKELNSNHDGADETSEKEQQEAIEHIDEVQNEIDRLNEQASEEILKVEQKYNKLRQPFFQKRSELIAKIPN
FWVTTFVNHPQVSALLGEEDEEAMHYLTRVEVTEFEDIKSGYRIDFYFDENPYFENKVLSKEFHMNESGDPSSKSTEIKW
KSGKDMTKRSSQTQNKASRKRQHEEPESFFTWFTDHSDAGADELGEVIKDDIWPNPLQYYLVPDM
;
_entity_poly.pdbx_strand_id   A,B,P,Q
#
# COMPACT_ATOMS: atom_id res chain seq x y z
N MET A 1 5.48 59.02 48.96
CA MET A 1 6.56 58.05 48.63
C MET A 1 6.25 56.68 49.24
N SER A 2 5.71 56.70 50.46
CA SER A 2 5.35 55.51 51.21
C SER A 2 4.36 54.62 50.47
N ALA A 3 3.33 55.25 49.93
CA ALA A 3 2.27 54.57 49.19
C ALA A 3 2.82 54.03 47.86
N GLN A 4 3.70 54.77 47.22
CA GLN A 4 4.34 54.34 45.99
C GLN A 4 5.26 53.13 46.23
N ALA A 5 6.04 53.16 47.32
CA ALA A 5 6.92 52.04 47.71
C ALA A 5 6.13 50.76 48.04
N ALA A 6 4.99 50.93 48.70
CA ALA A 6 4.05 49.85 48.99
C ALA A 6 3.59 49.14 47.73
N LYS A 7 3.09 49.91 46.74
CA LYS A 7 2.73 49.35 45.44
C LYS A 7 3.94 48.65 44.79
N VAL A 8 5.10 49.31 44.76
CA VAL A 8 6.29 48.71 44.17
C VAL A 8 6.73 47.38 44.82
N SER A 9 6.69 47.34 46.16
CA SER A 9 7.03 46.16 46.95
C SER A 9 6.09 45.04 46.67
N LYS A 10 4.80 45.34 46.68
CA LYS A 10 3.80 44.33 46.35
C LYS A 10 4.02 43.75 44.94
N LYS A 11 4.18 44.65 43.96
CA LYS A 11 4.49 44.30 42.56
C LYS A 11 5.75 43.40 42.38
N GLU A 12 6.86 43.76 43.00
CA GLU A 12 8.11 43.05 42.75
C GLU A 12 8.20 41.75 43.53
N LEU A 13 7.62 41.73 44.72
CA LEU A 13 7.59 40.50 45.52
C LEU A 13 6.45 39.60 45.04
N ASN A 14 5.25 39.75 45.61
CA ASN A 14 4.07 38.94 45.24
C ASN A 14 4.08 38.58 43.73
N SER A 15 3.72 39.57 42.89
CA SER A 15 3.84 39.45 41.43
C SER A 15 5.29 39.17 41.05
N ASP A 21 7.59 27.43 40.02
CA ASP A 21 7.60 28.39 38.92
C ASP A 21 9.00 28.90 38.65
N GLU A 22 9.45 29.85 39.48
CA GLU A 22 10.79 30.45 39.36
C GLU A 22 11.93 29.41 39.56
N THR A 23 11.54 28.13 39.65
CA THR A 23 12.45 26.99 39.54
C THR A 23 12.26 26.25 38.20
N SER A 24 11.08 25.69 37.98
CA SER A 24 10.82 24.81 36.83
C SER A 24 10.76 25.55 35.49
N GLU A 25 10.03 26.67 35.47
CA GLU A 25 9.91 27.51 34.29
C GLU A 25 11.26 28.04 33.83
N LYS A 26 11.97 28.70 34.75
CA LYS A 26 13.34 29.17 34.52
C LYS A 26 14.27 28.03 34.04
N GLU A 27 14.14 26.84 34.62
CA GLU A 27 15.01 25.73 34.28
C GLU A 27 14.82 25.40 32.80
N GLN A 28 13.55 25.23 32.43
CA GLN A 28 13.09 25.00 31.09
C GLN A 28 13.62 26.06 30.09
N GLN A 29 13.43 27.33 30.43
CA GLN A 29 13.78 28.46 29.57
C GLN A 29 15.26 28.56 29.37
N GLU A 30 15.99 28.14 30.38
CA GLU A 30 17.43 28.16 30.33
C GLU A 30 17.94 27.03 29.46
N ALA A 31 17.37 25.84 29.67
CA ALA A 31 17.69 24.67 28.89
C ALA A 31 17.46 24.92 27.41
N ILE A 32 16.37 25.63 27.07
CA ILE A 32 16.00 25.87 25.68
C ILE A 32 17.05 26.73 25.01
N GLU A 33 17.49 27.76 25.74
CA GLU A 33 18.52 28.65 25.26
C GLU A 33 19.86 27.93 25.08
N HIS A 34 20.17 27.00 25.99
CA HIS A 34 21.38 26.21 25.89
C HIS A 34 21.28 25.17 24.77
N ILE A 35 20.11 24.61 24.53
CA ILE A 35 19.93 23.72 23.39
C ILE A 35 20.13 24.44 22.06
N ASP A 36 19.63 25.67 21.98
CA ASP A 36 19.78 26.45 20.78
C ASP A 36 21.26 26.68 20.47
N GLU A 37 22.04 26.96 21.52
CA GLU A 37 23.48 27.16 21.37
C GLU A 37 24.15 25.92 20.74
N VAL A 38 23.83 24.77 21.29
CA VAL A 38 24.29 23.48 20.80
C VAL A 38 23.81 23.22 19.35
N GLN A 39 22.52 23.48 19.07
CA GLN A 39 22.01 23.44 17.67
C GLN A 39 22.79 24.23 16.67
N ASN A 40 23.27 25.40 17.09
CA ASN A 40 24.05 26.23 16.22
C ASN A 40 25.31 25.51 15.77
N GLU A 41 25.88 24.68 16.64
CA GLU A 41 27.05 23.86 16.34
C GLU A 41 26.65 22.72 15.43
N ILE A 42 25.58 22.02 15.76
CA ILE A 42 24.97 21.03 14.86
C ILE A 42 24.65 21.53 13.43
N ASP A 43 24.04 22.72 13.34
CA ASP A 43 23.67 23.35 12.05
C ASP A 43 24.90 23.75 11.24
N ARG A 44 25.92 24.28 11.90
CA ARG A 44 27.16 24.58 11.19
C ARG A 44 27.75 23.29 10.62
N LEU A 45 27.71 22.21 11.38
CA LEU A 45 28.24 20.93 10.91
C LEU A 45 27.44 20.40 9.74
N ASN A 46 26.10 20.50 9.84
CA ASN A 46 25.17 20.07 8.77
C ASN A 46 25.43 20.86 7.50
N GLU A 47 25.71 22.14 7.65
CA GLU A 47 25.98 22.96 6.51
C GLU A 47 27.30 22.62 5.87
N GLN A 48 28.33 22.36 6.67
CA GLN A 48 29.62 21.91 6.14
C GLN A 48 29.51 20.58 5.36
N ALA A 49 28.82 19.61 5.94
CA ALA A 49 28.54 18.33 5.25
C ALA A 49 27.86 18.51 3.89
N SER A 50 26.80 19.32 3.89
CA SER A 50 25.99 19.67 2.73
C SER A 50 26.82 20.23 1.62
N GLU A 51 27.61 21.24 1.97
CA GLU A 51 28.55 21.81 1.06
C GLU A 51 29.49 20.76 0.50
N GLU A 52 30.02 19.90 1.38
CA GLU A 52 30.96 18.89 0.95
C GLU A 52 30.32 17.93 -0.04
N ILE A 53 29.07 17.55 0.22
CA ILE A 53 28.39 16.59 -0.62
C ILE A 53 28.11 17.24 -1.99
N LEU A 54 27.65 18.51 -1.96
CA LEU A 54 27.46 19.28 -3.17
C LEU A 54 28.75 19.41 -4.01
N LYS A 55 29.93 19.58 -3.39
CA LYS A 55 31.21 19.62 -4.15
C LYS A 55 31.52 18.25 -4.80
N VAL A 56 31.32 17.17 -4.05
CA VAL A 56 31.48 15.82 -4.59
C VAL A 56 30.50 15.65 -5.81
N GLU A 57 29.25 16.05 -5.64
CA GLU A 57 28.22 15.84 -6.66
C GLU A 57 28.54 16.64 -7.93
N GLN A 58 28.99 17.88 -7.78
CA GLN A 58 29.37 18.71 -8.88
C GLN A 58 30.54 18.07 -9.60
N LYS A 59 31.53 17.56 -8.88
CA LYS A 59 32.69 16.98 -9.54
C LYS A 59 32.36 15.74 -10.43
N TYR A 60 31.62 14.80 -9.89
CA TYR A 60 31.27 13.58 -10.59
C TYR A 60 30.18 13.80 -11.62
N ASN A 61 29.44 14.88 -11.48
CA ASN A 61 28.43 15.19 -12.46
C ASN A 61 29.12 15.57 -13.74
N LYS A 62 30.18 16.39 -13.60
CA LYS A 62 31.00 16.87 -14.70
C LYS A 62 31.77 15.71 -15.35
N LEU A 63 32.25 14.79 -14.53
CA LEU A 63 32.91 13.60 -15.03
C LEU A 63 31.95 12.69 -15.83
N ARG A 64 30.73 12.57 -15.32
CA ARG A 64 29.76 11.69 -15.91
C ARG A 64 29.16 12.20 -17.18
N GLN A 65 28.94 13.50 -17.28
CA GLN A 65 28.23 14.05 -18.38
C GLN A 65 28.67 13.59 -19.80
N PRO A 66 29.97 13.72 -20.14
CA PRO A 66 30.41 13.31 -21.50
C PRO A 66 30.09 11.84 -21.78
N PHE A 67 30.15 10.99 -20.76
CA PHE A 67 29.78 9.60 -20.95
C PHE A 67 28.29 9.37 -21.22
N PHE A 68 27.42 10.10 -20.50
CA PHE A 68 25.96 9.97 -20.76
C PHE A 68 25.64 10.54 -22.11
N GLN A 69 26.23 11.69 -22.49
CA GLN A 69 26.19 12.17 -23.93
C GLN A 69 26.63 11.15 -24.97
N LYS A 70 27.81 10.57 -24.77
CA LYS A 70 28.26 9.52 -25.68
C LYS A 70 27.26 8.35 -25.70
N ARG A 71 26.74 7.95 -24.52
CA ARG A 71 25.83 6.81 -24.43
C ARG A 71 24.54 7.02 -25.21
N SER A 72 23.97 8.23 -25.11
CA SER A 72 22.80 8.62 -25.92
C SER A 72 23.03 8.57 -27.38
N GLU A 73 24.15 9.09 -27.86
CA GLU A 73 24.45 9.04 -29.31
C GLU A 73 24.62 7.63 -29.80
N LEU A 74 25.26 6.77 -29.01
CA LEU A 74 25.39 5.36 -29.38
C LEU A 74 24.03 4.63 -29.39
N ILE A 75 23.20 4.93 -28.40
CA ILE A 75 21.89 4.34 -28.30
C ILE A 75 21.04 4.52 -29.55
N ALA A 76 21.10 5.74 -30.10
CA ALA A 76 20.38 6.10 -31.35
C ALA A 76 20.71 5.25 -32.60
N LYS A 77 21.76 4.43 -32.51
CA LYS A 77 22.22 3.60 -33.63
C LYS A 77 21.63 2.20 -33.52
N ILE A 78 21.00 1.92 -32.36
CA ILE A 78 20.47 0.58 -32.04
C ILE A 78 18.96 0.70 -32.16
N PRO A 79 18.37 0.02 -33.18
CA PRO A 79 16.91 0.07 -33.27
C PRO A 79 16.33 -0.75 -32.12
N ASN A 80 15.23 -0.28 -31.54
CA ASN A 80 14.53 -0.96 -30.44
C ASN A 80 15.19 -0.97 -29.05
N PHE A 81 16.27 -0.22 -28.86
CA PHE A 81 16.94 -0.19 -27.56
C PHE A 81 15.97 0.08 -26.43
N TRP A 82 15.26 1.20 -26.52
CA TRP A 82 14.34 1.69 -25.48
C TRP A 82 13.01 0.90 -25.29
N VAL A 83 12.33 0.41 -26.35
CA VAL A 83 11.26 -0.59 -26.14
C VAL A 83 11.79 -1.78 -25.36
N THR A 84 12.89 -2.35 -25.84
CA THR A 84 13.46 -3.56 -25.24
C THR A 84 13.82 -3.32 -23.76
N THR A 85 14.46 -2.21 -23.48
CA THR A 85 14.75 -1.78 -22.11
C THR A 85 13.47 -1.70 -21.26
N PHE A 86 12.43 -1.02 -21.79
CA PHE A 86 11.14 -0.86 -21.08
C PHE A 86 10.37 -2.16 -20.88
N VAL A 87 10.26 -2.96 -21.95
CA VAL A 87 9.53 -4.22 -21.89
C VAL A 87 10.24 -5.15 -20.91
N ASN A 88 11.56 -5.03 -20.83
CA ASN A 88 12.34 -5.78 -19.84
C ASN A 88 12.31 -5.18 -18.42
N HIS A 89 11.66 -4.03 -18.23
CA HIS A 89 11.56 -3.46 -16.89
C HIS A 89 10.23 -3.84 -16.27
N PRO A 90 10.27 -4.46 -15.07
CA PRO A 90 9.04 -5.01 -14.44
C PRO A 90 7.88 -4.02 -14.29
N GLN A 91 8.18 -2.76 -13.97
CA GLN A 91 7.14 -1.74 -13.72
C GLN A 91 6.72 -0.95 -14.96
N VAL A 92 7.66 -0.70 -15.87
CA VAL A 92 7.34 -0.02 -17.13
C VAL A 92 6.66 -1.02 -18.08
N SER A 93 7.09 -2.28 -18.03
CA SER A 93 6.55 -3.35 -18.87
C SER A 93 5.04 -3.53 -18.68
N ALA A 94 4.60 -3.39 -17.43
CA ALA A 94 3.20 -3.55 -17.07
C ALA A 94 2.32 -2.43 -17.61
N LEU A 95 2.91 -1.30 -17.97
CA LEU A 95 2.14 -0.15 -18.43
C LEU A 95 2.09 -0.08 -19.95
N LEU A 96 2.85 -0.95 -20.59
CA LEU A 96 2.89 -1.05 -22.03
C LEU A 96 1.90 -2.08 -22.53
N GLY A 97 0.86 -1.61 -23.22
CA GLY A 97 0.00 -2.50 -23.99
C GLY A 97 0.74 -2.85 -25.27
N GLU A 98 0.19 -3.80 -26.03
CA GLU A 98 0.79 -4.22 -27.29
C GLU A 98 0.86 -3.04 -28.26
N GLU A 99 -0.11 -2.13 -28.14
CA GLU A 99 -0.12 -0.89 -28.94
C GLU A 99 1.05 0.06 -28.61
N ASP A 100 1.14 0.52 -27.36
CA ASP A 100 2.20 1.45 -26.97
C ASP A 100 3.56 0.85 -27.36
N GLU A 101 3.67 -0.48 -27.32
CA GLU A 101 4.89 -1.20 -27.70
C GLU A 101 5.21 -1.02 -29.18
N GLU A 102 4.18 -1.13 -30.03
CA GLU A 102 4.31 -0.89 -31.47
C GLU A 102 4.78 0.55 -31.71
N ALA A 103 4.27 1.49 -30.92
CA ALA A 103 4.67 2.89 -31.00
C ALA A 103 6.12 3.10 -30.56
N MET A 104 6.50 2.45 -29.46
CA MET A 104 7.85 2.58 -28.92
C MET A 104 8.94 2.09 -29.85
N HIS A 105 8.56 1.44 -30.95
CA HIS A 105 9.55 1.00 -31.94
C HIS A 105 10.13 2.21 -32.67
N TYR A 106 9.38 3.29 -32.61
CA TYR A 106 9.75 4.51 -33.29
C TYR A 106 10.48 5.43 -32.34
N LEU A 107 10.56 5.03 -31.07
CA LEU A 107 11.27 5.75 -30.02
C LEU A 107 12.77 5.48 -30.15
N THR A 108 13.51 6.50 -30.57
CA THR A 108 14.94 6.37 -30.86
C THR A 108 15.83 6.82 -29.70
N ARG A 109 15.26 7.62 -28.80
CA ARG A 109 16.07 8.40 -27.85
C ARG A 109 15.23 8.77 -26.66
N VAL A 110 15.77 8.51 -25.47
CA VAL A 110 15.25 9.06 -24.23
C VAL A 110 16.32 9.96 -23.60
N GLU A 111 15.93 11.16 -23.14
CA GLU A 111 16.81 11.98 -22.29
C GLU A 111 16.15 12.28 -20.98
N VAL A 112 16.84 11.99 -19.89
CA VAL A 112 16.45 12.48 -18.56
C VAL A 112 17.45 13.61 -18.18
N THR A 113 16.92 14.80 -17.84
CA THR A 113 17.72 15.95 -17.45
C THR A 113 17.14 16.42 -16.14
N GLU A 114 17.98 16.52 -15.13
CA GLU A 114 17.65 16.97 -13.80
C GLU A 114 18.23 18.36 -13.65
N PHE A 115 17.47 19.29 -13.06
CA PHE A 115 17.92 20.67 -12.90
C PHE A 115 18.30 21.03 -11.49
N GLU A 116 18.34 20.06 -10.56
CA GLU A 116 18.33 20.33 -9.08
C GLU A 116 18.80 21.69 -8.59
N ASP A 117 20.01 22.10 -8.97
CA ASP A 117 20.51 23.44 -8.62
C ASP A 117 19.41 24.48 -8.81
N ILE A 118 19.10 25.19 -7.73
CA ILE A 118 17.90 26.06 -7.63
C ILE A 118 16.69 25.31 -8.25
N LYS A 119 16.19 24.35 -7.47
CA LYS A 119 15.18 23.34 -7.85
C LYS A 119 14.28 23.70 -9.04
N SER A 120 14.28 22.84 -10.05
CA SER A 120 13.27 22.89 -11.10
C SER A 120 12.87 21.47 -11.52
N GLY A 121 13.12 20.51 -10.62
CA GLY A 121 12.81 19.12 -10.84
C GLY A 121 13.63 18.53 -12.00
N TYR A 122 12.93 17.84 -12.90
CA TYR A 122 13.54 17.13 -14.03
C TYR A 122 12.56 16.91 -15.18
N ARG A 123 13.13 16.44 -16.28
CA ARG A 123 12.44 16.37 -17.54
C ARG A 123 12.81 15.09 -18.26
N ILE A 124 11.80 14.41 -18.84
CA ILE A 124 12.08 13.26 -19.69
C ILE A 124 11.61 13.56 -21.12
N ASP A 125 12.51 13.45 -22.09
CA ASP A 125 12.20 13.73 -23.47
C ASP A 125 12.21 12.41 -24.24
N PHE A 126 11.16 12.14 -25.01
CA PHE A 126 11.05 10.92 -25.81
C PHE A 126 11.01 11.29 -27.28
N TYR A 127 12.08 10.99 -28.01
CA TYR A 127 12.20 11.32 -29.44
C TYR A 127 11.71 10.15 -30.32
N PHE A 128 10.81 10.45 -31.26
CA PHE A 128 10.24 9.45 -32.19
C PHE A 128 10.55 9.78 -33.63
N ASP A 129 10.90 8.76 -34.41
CA ASP A 129 10.94 8.88 -35.84
C ASP A 129 9.51 9.03 -36.34
N GLU A 130 9.37 9.42 -37.60
CA GLU A 130 8.09 9.41 -38.29
C GLU A 130 7.36 8.09 -38.05
N ASN A 131 6.09 8.19 -37.67
CA ASN A 131 5.31 7.03 -37.25
C ASN A 131 3.79 7.17 -37.56
N PRO A 132 3.05 6.05 -37.60
CA PRO A 132 1.62 6.12 -37.93
C PRO A 132 0.72 6.75 -36.86
N TYR A 133 1.23 6.92 -35.62
CA TYR A 133 0.38 7.27 -34.47
C TYR A 133 0.24 8.75 -34.14
N PHE A 134 1.35 9.49 -34.15
CA PHE A 134 1.29 10.94 -33.92
C PHE A 134 2.26 11.76 -34.77
N GLU A 135 2.07 13.08 -34.70
CA GLU A 135 2.84 14.03 -35.50
C GLU A 135 4.13 14.43 -34.81
N ASN A 136 4.05 14.53 -33.49
CA ASN A 136 5.14 15.01 -32.64
C ASN A 136 6.46 14.27 -32.83
N LYS A 137 7.54 15.02 -32.98
CA LYS A 137 8.89 14.45 -32.99
C LYS A 137 9.45 14.13 -31.61
N VAL A 138 8.97 14.84 -30.60
CA VAL A 138 9.44 14.69 -29.22
C VAL A 138 8.25 14.78 -28.31
N LEU A 139 8.14 13.86 -27.36
CA LEU A 139 7.13 13.90 -26.31
C LEU A 139 7.90 14.07 -25.01
N SER A 140 7.57 15.10 -24.26
CA SER A 140 8.35 15.44 -23.06
C SER A 140 7.44 15.52 -21.85
N LYS A 141 8.03 15.30 -20.69
CA LYS A 141 7.27 15.45 -19.48
C LYS A 141 8.20 16.05 -18.46
N GLU A 142 7.71 17.07 -17.74
CA GLU A 142 8.46 17.75 -16.68
C GLU A 142 7.76 17.50 -15.37
N PHE A 143 8.51 17.39 -14.28
CA PHE A 143 8.00 17.06 -12.98
C PHE A 143 8.71 18.04 -12.08
N HIS A 144 7.98 18.70 -11.20
CA HIS A 144 8.63 19.66 -10.33
C HIS A 144 8.55 19.18 -8.89
N SER A 152 2.21 20.14 -10.79
CA SER A 152 3.32 19.28 -10.42
C SER A 152 3.96 18.57 -11.64
N SER A 153 3.33 18.66 -12.80
CA SER A 153 3.90 18.13 -14.04
C SER A 153 3.28 18.73 -15.32
N LYS A 154 4.15 19.17 -16.24
CA LYS A 154 3.77 19.66 -17.58
C LYS A 154 4.09 18.55 -18.59
N SER A 155 3.36 18.52 -19.70
CA SER A 155 3.48 17.47 -20.69
C SER A 155 3.08 17.89 -22.11
N THR A 156 3.73 17.31 -23.11
CA THR A 156 3.41 17.56 -24.51
C THR A 156 1.97 17.13 -24.83
N GLU A 157 1.27 18.00 -25.55
CA GLU A 157 -0.01 17.65 -26.12
C GLU A 157 0.30 16.78 -27.35
N ILE A 158 -0.17 15.54 -27.31
CA ILE A 158 0.04 14.61 -28.41
C ILE A 158 -0.97 14.87 -29.53
N LYS A 159 -0.44 15.08 -30.75
CA LYS A 159 -1.27 15.35 -31.92
C LYS A 159 -1.45 14.04 -32.68
N TRP A 160 -2.44 13.24 -32.26
CA TRP A 160 -2.75 11.98 -32.94
C TRP A 160 -3.27 12.24 -34.36
N LYS A 161 -3.08 11.21 -35.27
CA LYS A 161 -3.24 11.41 -36.71
C LYS A 161 -4.67 11.38 -37.31
N SER A 162 -5.43 10.34 -36.97
CA SER A 162 -6.80 10.14 -37.52
C SER A 162 -7.33 8.79 -37.08
N GLY A 163 -8.12 8.84 -35.92
CA GLY A 163 -8.57 7.62 -35.24
C GLY A 163 -7.43 6.75 -34.69
N LYS A 164 -6.20 7.35 -34.71
CA LYS A 164 -5.02 6.64 -34.17
C LYS A 164 -4.91 6.81 -32.65
N ASP A 165 -5.76 7.68 -32.08
CA ASP A 165 -5.69 8.00 -30.63
C ASP A 165 -5.60 6.72 -29.79
N MET A 166 -4.60 6.67 -28.92
CA MET A 166 -4.29 5.47 -28.14
C MET A 166 -4.70 5.61 -26.68
N PHE A 189 -0.09 3.53 -21.95
CA PHE A 189 1.15 4.20 -21.54
C PHE A 189 1.09 5.70 -21.81
N PHE A 190 0.61 6.07 -23.01
CA PHE A 190 0.55 7.47 -23.42
C PHE A 190 -0.51 8.27 -22.65
N THR A 191 -1.25 7.61 -21.74
CA THR A 191 -2.12 8.31 -20.76
C THR A 191 -1.23 9.15 -19.84
N TRP A 192 0.00 8.68 -19.60
CA TRP A 192 1.04 9.36 -18.83
C TRP A 192 1.26 10.82 -19.23
N PHE A 193 1.00 11.13 -20.49
CA PHE A 193 1.08 12.50 -21.02
C PHE A 193 -0.21 13.34 -20.92
N THR A 194 -1.28 12.82 -20.32
CA THR A 194 -2.48 13.63 -20.07
C THR A 194 -2.21 14.57 -18.88
N ALA A 201 2.04 9.96 -12.56
CA ALA A 201 3.20 10.74 -13.03
C ALA A 201 4.48 10.45 -12.24
N ASP A 202 4.47 10.81 -10.94
CA ASP A 202 5.61 10.66 -10.02
C ASP A 202 6.25 9.28 -10.08
N GLU A 203 5.44 8.22 -9.93
CA GLU A 203 6.01 6.87 -9.86
C GLU A 203 6.82 6.49 -11.11
N LEU A 204 6.20 6.53 -12.29
CA LEU A 204 6.86 6.18 -13.56
C LEU A 204 8.08 7.05 -13.86
N GLY A 205 7.91 8.36 -13.66
CA GLY A 205 9.00 9.31 -13.79
C GLY A 205 10.19 8.91 -12.93
N GLU A 206 9.94 8.62 -11.66
CA GLU A 206 11.01 8.23 -10.71
C GLU A 206 11.67 6.93 -11.13
N VAL A 207 10.89 6.00 -11.66
CA VAL A 207 11.39 4.72 -12.12
C VAL A 207 12.40 4.94 -13.24
N ILE A 208 11.98 5.67 -14.28
CA ILE A 208 12.82 5.98 -15.42
C ILE A 208 14.05 6.80 -14.99
N LYS A 209 13.82 7.85 -14.23
CA LYS A 209 14.92 8.69 -13.77
C LYS A 209 15.96 7.95 -12.90
N ASP A 210 15.47 7.24 -11.88
CA ASP A 210 16.29 6.69 -10.79
C ASP A 210 16.79 5.26 -11.00
N ASP A 211 16.01 4.48 -11.74
CA ASP A 211 16.25 3.06 -11.96
C ASP A 211 16.99 2.88 -13.28
N ILE A 212 16.33 3.30 -14.34
CA ILE A 212 16.73 2.98 -15.71
C ILE A 212 17.80 3.93 -16.25
N TRP A 213 17.60 5.23 -16.08
CA TRP A 213 18.56 6.20 -16.61
C TRP A 213 20.05 5.97 -16.25
N PRO A 214 20.39 5.74 -14.96
CA PRO A 214 21.81 5.55 -14.63
C PRO A 214 22.48 4.37 -15.36
N ASN A 215 21.69 3.35 -15.70
CA ASN A 215 22.13 2.15 -16.39
C ASN A 215 20.95 1.44 -17.08
N PRO A 216 20.60 1.85 -18.32
CA PRO A 216 19.52 1.14 -19.00
C PRO A 216 19.95 -0.24 -19.51
N LEU A 217 21.26 -0.49 -19.47
CA LEU A 217 21.85 -1.57 -20.22
C LEU A 217 21.61 -2.86 -19.47
N GLN A 218 21.45 -2.77 -18.16
CA GLN A 218 21.07 -3.94 -17.38
C GLN A 218 19.64 -4.43 -17.68
N TYR A 219 18.82 -3.61 -18.30
CA TYR A 219 17.49 -4.08 -18.65
C TYR A 219 17.48 -4.50 -20.10
N TYR A 220 18.27 -3.80 -20.92
CA TYR A 220 18.38 -4.11 -22.33
C TYR A 220 18.89 -5.53 -22.54
N LEU A 221 19.80 -5.96 -21.66
CA LEU A 221 20.40 -7.30 -21.72
C LEU A 221 19.61 -8.28 -20.84
N VAL A 222 19.65 -8.06 -19.52
CA VAL A 222 18.97 -8.89 -18.55
C VAL A 222 17.43 -8.77 -18.71
N SER B 24 25.95 -3.01 -40.81
CA SER B 24 24.86 -2.50 -39.94
C SER B 24 24.50 -3.50 -38.85
N GLU B 25 24.28 -4.75 -39.22
CA GLU B 25 24.01 -5.82 -38.25
C GLU B 25 25.27 -6.03 -37.37
N LYS B 26 26.43 -5.78 -37.98
CA LYS B 26 27.73 -5.76 -37.33
C LYS B 26 27.98 -4.41 -36.63
N GLU B 27 27.56 -3.33 -37.30
CA GLU B 27 27.70 -1.96 -36.76
C GLU B 27 26.84 -1.69 -35.51
N GLN B 28 25.71 -2.41 -35.43
CA GLN B 28 24.74 -2.32 -34.34
C GLN B 28 25.35 -3.07 -33.18
N GLN B 29 26.14 -4.05 -33.57
CA GLN B 29 26.86 -4.86 -32.65
C GLN B 29 28.07 -4.07 -32.11
N GLU B 30 28.61 -3.16 -32.92
CA GLU B 30 29.78 -2.38 -32.50
C GLU B 30 29.35 -1.33 -31.53
N ALA B 31 28.20 -0.72 -31.81
CA ALA B 31 27.58 0.28 -31.00
C ALA B 31 27.26 -0.26 -29.60
N ILE B 32 26.77 -1.50 -29.52
CA ILE B 32 26.34 -2.09 -28.25
C ILE B 32 27.51 -2.48 -27.37
N GLU B 33 28.58 -2.94 -27.98
CA GLU B 33 29.85 -3.13 -27.25
C GLU B 33 30.40 -1.79 -26.73
N HIS B 34 30.37 -0.79 -27.59
CA HIS B 34 30.77 0.56 -27.20
C HIS B 34 29.86 1.11 -26.09
N ILE B 35 28.54 0.89 -26.14
CA ILE B 35 27.62 1.26 -25.06
C ILE B 35 28.00 0.55 -23.75
N ASP B 36 28.38 -0.70 -23.85
CA ASP B 36 28.78 -1.50 -22.70
C ASP B 36 30.00 -0.91 -22.02
N GLU B 37 30.93 -0.37 -22.80
CA GLU B 37 32.18 0.16 -22.27
C GLU B 37 31.96 1.53 -21.61
N VAL B 38 31.09 2.31 -22.21
CA VAL B 38 30.75 3.63 -21.70
C VAL B 38 29.97 3.52 -20.39
N GLN B 39 29.02 2.60 -20.36
CA GLN B 39 28.30 2.23 -19.16
C GLN B 39 29.24 1.71 -18.10
N ASN B 40 30.25 0.91 -18.45
CA ASN B 40 31.23 0.52 -17.44
C ASN B 40 31.88 1.72 -16.74
N GLU B 41 32.22 2.76 -17.51
CA GLU B 41 32.76 4.02 -16.98
C GLU B 41 31.73 4.76 -16.16
N ILE B 42 30.50 4.87 -16.67
CA ILE B 42 29.44 5.41 -15.88
C ILE B 42 29.32 4.71 -14.51
N ASP B 43 29.27 3.36 -14.52
CA ASP B 43 29.14 2.58 -13.30
C ASP B 43 30.28 2.88 -12.33
N ARG B 44 31.50 2.98 -12.82
CA ARG B 44 32.63 3.25 -11.92
C ARG B 44 32.51 4.62 -11.29
N LEU B 45 32.00 5.59 -12.05
CA LEU B 45 31.84 6.96 -11.60
C LEU B 45 30.66 7.07 -10.64
N ASN B 46 29.58 6.34 -10.89
CA ASN B 46 28.46 6.27 -9.94
C ASN B 46 28.93 5.69 -8.62
N GLU B 47 29.72 4.62 -8.69
CA GLU B 47 30.30 3.99 -7.49
C GLU B 47 31.22 4.95 -6.72
N GLN B 48 32.14 5.61 -7.42
CA GLN B 48 33.05 6.55 -6.77
C GLN B 48 32.27 7.69 -6.07
N ALA B 49 31.27 8.25 -6.72
CA ALA B 49 30.48 9.35 -6.14
C ALA B 49 29.77 8.96 -4.86
N SER B 50 29.08 7.82 -4.89
CA SER B 50 28.49 7.21 -3.73
C SER B 50 29.42 6.98 -2.54
N GLU B 51 30.62 6.49 -2.84
CA GLU B 51 31.63 6.25 -1.84
C GLU B 51 32.09 7.58 -1.23
N GLU B 52 32.32 8.62 -2.03
CA GLU B 52 32.83 9.91 -1.49
C GLU B 52 31.74 10.60 -0.69
N ILE B 53 30.49 10.43 -1.08
CA ILE B 53 29.40 10.99 -0.34
C ILE B 53 29.23 10.28 1.02
N LEU B 54 29.30 8.96 1.00
CA LEU B 54 29.20 8.17 2.17
C LEU B 54 30.31 8.52 3.18
N LYS B 55 31.53 8.71 2.71
CA LYS B 55 32.59 9.15 3.56
C LYS B 55 32.34 10.51 4.18
N VAL B 56 31.67 11.41 3.47
CA VAL B 56 31.33 12.71 4.03
C VAL B 56 30.36 12.54 5.18
N GLU B 57 29.37 11.70 4.95
CA GLU B 57 28.37 11.42 5.98
C GLU B 57 28.95 10.72 7.20
N GLN B 58 29.87 9.76 6.98
CA GLN B 58 30.57 9.11 8.05
C GLN B 58 31.40 10.09 8.90
N LYS B 59 32.15 10.95 8.23
CA LYS B 59 32.86 12.04 8.85
C LYS B 59 32.02 12.93 9.73
N TYR B 60 30.98 13.52 9.16
CA TYR B 60 30.13 14.44 9.92
C TYR B 60 29.26 13.79 10.98
N ASN B 61 28.95 12.52 10.85
CA ASN B 61 28.28 11.77 11.89
C ASN B 61 29.18 11.71 13.15
N LYS B 62 30.50 11.50 12.97
CA LYS B 62 31.43 11.54 14.11
C LYS B 62 31.57 12.93 14.78
N LEU B 63 31.68 14.00 13.99
CA LEU B 63 31.86 15.36 14.49
C LEU B 63 30.66 15.86 15.30
N ARG B 64 29.46 15.43 14.90
CA ARG B 64 28.22 15.79 15.52
C ARG B 64 27.96 15.09 16.87
N GLN B 65 28.60 13.96 17.13
CA GLN B 65 28.34 13.13 18.28
C GLN B 65 28.51 13.83 19.63
N PRO B 66 29.60 14.60 19.86
CA PRO B 66 29.61 15.31 21.17
C PRO B 66 28.48 16.30 21.37
N PHE B 67 27.99 16.88 20.29
CA PHE B 67 26.88 17.86 20.41
C PHE B 67 25.52 17.23 20.62
N PHE B 68 25.24 16.11 19.93
CA PHE B 68 24.05 15.32 20.32
C PHE B 68 24.12 14.84 21.74
N GLN B 69 25.29 14.40 22.22
CA GLN B 69 25.35 13.98 23.61
C GLN B 69 24.98 15.15 24.52
N LYS B 70 25.61 16.29 24.36
CA LYS B 70 25.30 17.46 25.16
C LYS B 70 23.82 17.85 25.03
N ARG B 71 23.30 17.78 23.82
CA ARG B 71 21.92 18.15 23.62
C ARG B 71 20.95 17.23 24.39
N SER B 72 21.21 15.91 24.37
CA SER B 72 20.56 14.96 25.29
C SER B 72 20.51 15.36 26.74
N GLU B 73 21.66 15.74 27.33
CA GLU B 73 21.70 16.18 28.74
C GLU B 73 20.81 17.40 28.99
N LEU B 74 20.73 18.31 28.01
CA LEU B 74 19.95 19.54 28.16
C LEU B 74 18.44 19.24 28.06
N ILE B 75 18.05 18.42 27.09
CA ILE B 75 16.66 17.96 26.93
C ILE B 75 16.11 17.25 28.15
N ALA B 76 16.97 16.46 28.83
CA ALA B 76 16.61 15.87 30.13
C ALA B 76 16.06 16.87 31.17
N LYS B 77 16.34 18.16 30.99
CA LYS B 77 15.93 19.20 31.94
C LYS B 77 14.61 19.86 31.52
N ILE B 78 14.05 19.42 30.39
CA ILE B 78 12.74 19.88 29.92
C ILE B 78 11.78 18.68 30.02
N PRO B 79 10.87 18.70 31.04
CA PRO B 79 9.98 17.56 31.18
C PRO B 79 8.96 17.61 30.03
N ASN B 80 8.59 16.43 29.51
CA ASN B 80 7.65 16.27 28.39
C ASN B 80 8.19 16.82 27.05
N PHE B 81 9.52 16.90 26.91
CA PHE B 81 10.11 17.43 25.69
C PHE B 81 9.74 16.58 24.49
N TRP B 82 9.86 15.24 24.60
CA TRP B 82 9.70 14.38 23.42
C TRP B 82 8.24 14.13 23.01
N VAL B 83 7.36 14.05 24.01
CA VAL B 83 5.92 14.00 23.80
C VAL B 83 5.44 15.24 23.03
N THR B 84 5.79 16.42 23.55
CA THR B 84 5.39 17.71 22.97
C THR B 84 5.96 17.82 21.57
N THR B 85 7.23 17.46 21.38
CA THR B 85 7.84 17.44 20.04
C THR B 85 7.03 16.55 19.05
N PHE B 86 6.62 15.36 19.52
CA PHE B 86 5.90 14.41 18.68
C PHE B 86 4.50 14.91 18.35
N VAL B 87 3.81 15.40 19.38
CA VAL B 87 2.50 16.03 19.28
C VAL B 87 2.47 17.22 18.30
N ASN B 88 3.56 18.00 18.26
CA ASN B 88 3.66 19.16 17.38
C ASN B 88 4.16 18.83 15.95
N HIS B 89 4.33 17.54 15.67
CA HIS B 89 4.72 17.09 14.34
C HIS B 89 3.55 16.49 13.62
N PRO B 90 3.16 17.08 12.46
CA PRO B 90 1.93 16.64 11.80
C PRO B 90 1.86 15.14 11.46
N GLN B 91 2.98 14.56 11.05
CA GLN B 91 3.00 13.14 10.70
C GLN B 91 3.01 12.22 11.91
N VAL B 92 3.84 12.52 12.90
CA VAL B 92 3.92 11.70 14.13
C VAL B 92 2.61 11.69 14.95
N SER B 93 1.96 12.86 15.05
CA SER B 93 0.64 12.99 15.66
C SER B 93 -0.42 12.07 15.05
N ALA B 94 -0.45 12.00 13.72
CA ALA B 94 -1.32 11.07 13.00
C ALA B 94 -1.13 9.62 13.47
N LEU B 95 0.03 9.34 14.07
CA LEU B 95 0.37 8.01 14.56
C LEU B 95 0.06 7.77 16.04
N LEU B 96 -0.53 8.74 16.72
CA LEU B 96 -0.67 8.70 18.18
C LEU B 96 -2.10 8.69 18.70
N GLY B 97 -2.57 7.50 19.08
CA GLY B 97 -3.84 7.36 19.78
C GLY B 97 -3.78 7.85 21.22
N GLU B 98 -4.92 7.77 21.88
CA GLU B 98 -5.12 8.33 23.21
C GLU B 98 -4.21 7.68 24.24
N GLU B 99 -4.26 6.35 24.35
CA GLU B 99 -3.39 5.62 25.28
C GLU B 99 -1.91 5.68 24.88
N ASP B 100 -1.64 5.67 23.57
CA ASP B 100 -0.27 5.82 23.05
C ASP B 100 0.37 7.09 23.60
N GLU B 101 -0.39 8.18 23.53
CA GLU B 101 0.06 9.50 23.98
C GLU B 101 0.22 9.58 25.51
N GLU B 102 -0.63 8.85 26.24
CA GLU B 102 -0.44 8.72 27.68
C GLU B 102 0.79 7.92 28.07
N ALA B 103 1.01 6.80 27.39
CA ALA B 103 2.25 6.05 27.53
C ALA B 103 3.44 6.96 27.26
N MET B 104 3.28 7.81 26.24
CA MET B 104 4.31 8.72 25.76
C MET B 104 4.69 9.73 26.82
N HIS B 105 3.87 9.84 27.86
CA HIS B 105 4.18 10.75 28.96
C HIS B 105 5.31 10.23 29.82
N TYR B 106 5.62 8.96 29.69
CA TYR B 106 6.72 8.40 30.42
C TYR B 106 7.99 8.44 29.59
N LEU B 107 7.86 8.94 28.35
CA LEU B 107 8.96 9.09 27.41
C LEU B 107 9.96 10.14 27.89
N THR B 108 11.17 9.68 28.18
CA THR B 108 12.15 10.51 28.82
C THR B 108 13.25 11.04 27.85
N ARG B 109 13.48 10.32 26.76
CA ARG B 109 14.65 10.54 25.96
C ARG B 109 14.49 9.72 24.73
N VAL B 110 14.79 10.34 23.61
CA VAL B 110 14.86 9.66 22.35
C VAL B 110 16.28 9.82 21.85
N GLU B 111 16.91 8.72 21.42
CA GLU B 111 18.16 8.76 20.65
C GLU B 111 18.08 8.10 19.29
N VAL B 112 18.66 8.77 18.30
CA VAL B 112 18.91 8.21 16.97
C VAL B 112 20.41 8.03 16.88
N THR B 113 20.83 6.84 16.52
CA THR B 113 22.25 6.53 16.32
C THR B 113 22.36 5.92 14.94
N GLU B 114 23.15 6.52 14.07
CA GLU B 114 23.43 5.86 12.81
C GLU B 114 24.65 4.99 13.00
N PHE B 115 24.62 3.82 12.39
CA PHE B 115 25.78 2.96 12.47
C PHE B 115 26.96 3.76 11.88
N GLU B 116 28.17 3.48 12.35
CA GLU B 116 29.34 4.31 11.99
C GLU B 116 29.63 4.45 10.47
N ASP B 117 29.33 3.38 9.72
CA ASP B 117 29.54 3.35 8.28
C ASP B 117 28.34 3.89 7.53
N ILE B 118 27.23 4.14 8.25
CA ILE B 118 26.07 4.88 7.71
C ILE B 118 25.18 3.98 6.81
N LYS B 119 25.82 3.32 5.84
CA LYS B 119 25.12 2.39 4.92
C LYS B 119 24.41 1.27 5.69
N SER B 120 25.05 0.77 6.74
CA SER B 120 24.49 -0.30 7.61
C SER B 120 23.07 -0.08 8.14
N GLY B 121 22.71 1.18 8.34
CA GLY B 121 21.43 1.55 8.92
C GLY B 121 21.53 2.42 10.17
N TYR B 122 20.52 2.30 11.02
CA TYR B 122 20.43 3.14 12.19
C TYR B 122 19.51 2.53 13.23
N ARG B 123 19.56 3.08 14.44
CA ARG B 123 18.72 2.64 15.57
C ARG B 123 18.04 3.84 16.23
N ILE B 124 16.80 3.66 16.67
CA ILE B 124 16.11 4.66 17.49
C ILE B 124 15.76 4.05 18.83
N ASP B 125 16.24 4.68 19.88
CA ASP B 125 15.98 4.29 21.29
C ASP B 125 14.98 5.25 21.94
N PHE B 126 13.99 4.69 22.62
CA PHE B 126 12.97 5.45 23.35
C PHE B 126 13.07 5.07 24.83
N TYR B 127 13.47 5.99 25.70
CA TYR B 127 13.55 5.68 27.12
C TYR B 127 12.25 6.05 27.83
N PHE B 128 11.76 5.12 28.64
CA PHE B 128 10.52 5.30 29.38
C PHE B 128 10.81 5.13 30.85
N ASP B 129 10.26 6.03 31.68
CA ASP B 129 10.32 5.89 33.14
C ASP B 129 9.35 4.77 33.53
N GLU B 130 9.44 4.31 34.79
CA GLU B 130 8.61 3.19 35.26
C GLU B 130 7.15 3.52 34.97
N ASN B 131 6.39 2.56 34.43
CA ASN B 131 5.06 2.87 33.90
C ASN B 131 4.12 1.68 34.01
N PRO B 132 2.79 1.92 33.95
CA PRO B 132 1.79 0.83 34.08
C PRO B 132 1.62 -0.04 32.82
N TYR B 133 2.24 0.39 31.72
CA TYR B 133 2.05 -0.23 30.42
C TYR B 133 3.03 -1.38 30.13
N PHE B 134 4.32 -1.12 30.32
CA PHE B 134 5.34 -2.15 30.09
C PHE B 134 6.47 -2.10 31.09
N GLU B 135 7.20 -3.20 31.18
CA GLU B 135 8.34 -3.29 32.08
C GLU B 135 9.57 -2.58 31.55
N ASN B 136 9.73 -2.59 30.21
CA ASN B 136 10.95 -2.14 29.50
C ASN B 136 11.35 -0.71 29.81
N LYS B 137 12.62 -0.52 30.14
CA LYS B 137 13.23 0.80 30.33
C LYS B 137 13.46 1.49 28.99
N VAL B 138 13.91 0.71 28.01
CA VAL B 138 14.19 1.22 26.68
C VAL B 138 13.48 0.38 25.61
N LEU B 139 12.77 1.08 24.72
CA LEU B 139 12.21 0.46 23.53
C LEU B 139 13.03 0.91 22.30
N SER B 140 13.64 -0.06 21.63
CA SER B 140 14.57 0.19 20.56
C SER B 140 14.06 -0.36 19.23
N LYS B 141 14.19 0.44 18.19
CA LYS B 141 13.90 -0.06 16.87
C LYS B 141 15.13 0.14 15.98
N GLU B 142 15.62 -0.98 15.43
CA GLU B 142 16.82 -0.99 14.59
C GLU B 142 16.46 -1.18 13.13
N PHE B 143 17.15 -0.45 12.26
CA PHE B 143 16.96 -0.65 10.83
C PHE B 143 18.28 -1.06 10.18
N HIS B 144 18.24 -2.17 9.44
CA HIS B 144 19.40 -2.77 8.78
C HIS B 144 19.28 -2.75 7.25
N MET B 145 20.39 -2.42 6.59
CA MET B 145 20.48 -2.46 5.13
C MET B 145 21.61 -3.39 4.70
N SER B 152 15.45 -4.84 6.50
CA SER B 152 15.57 -5.61 7.74
C SER B 152 15.31 -4.72 8.97
N SER B 153 14.51 -5.21 9.90
CA SER B 153 13.99 -4.40 10.99
C SER B 153 13.85 -5.21 12.27
N LYS B 154 14.72 -4.93 13.25
CA LYS B 154 14.65 -5.53 14.58
C LYS B 154 14.03 -4.53 15.56
N SER B 155 13.14 -5.01 16.43
CA SER B 155 12.58 -4.14 17.45
C SER B 155 12.56 -4.88 18.79
N THR B 156 12.52 -4.12 19.89
CA THR B 156 12.40 -4.66 21.23
C THR B 156 11.04 -5.32 21.35
N GLU B 157 11.01 -6.49 22.01
CA GLU B 157 9.77 -7.13 22.46
C GLU B 157 9.27 -6.39 23.69
N ILE B 158 8.04 -5.86 23.60
CA ILE B 158 7.46 -5.11 24.70
C ILE B 158 6.90 -6.05 25.79
N LYS B 159 7.44 -5.94 27.01
CA LYS B 159 6.93 -6.78 28.11
C LYS B 159 5.77 -6.06 28.75
N TRP B 160 4.63 -6.10 28.05
CA TRP B 160 3.37 -5.50 28.53
C TRP B 160 3.02 -6.05 29.90
N LYS B 161 2.50 -5.16 30.74
CA LYS B 161 1.99 -5.50 32.09
C LYS B 161 0.53 -5.93 31.99
N SER B 162 0.05 -6.62 33.02
CA SER B 162 -1.28 -7.27 32.99
C SER B 162 -2.38 -6.50 32.23
N GLY B 163 -2.76 -7.08 31.07
CA GLY B 163 -3.89 -6.58 30.27
C GLY B 163 -3.69 -5.21 29.65
N LYS B 164 -2.45 -4.89 29.26
CA LYS B 164 -2.16 -3.56 28.71
C LYS B 164 -1.83 -3.54 27.22
N ASP B 165 -1.66 -4.72 26.63
CA ASP B 165 -1.31 -4.87 25.21
C ASP B 165 -2.23 -4.06 24.29
N MET B 166 -1.71 -2.96 23.77
CA MET B 166 -2.43 -2.08 22.84
C MET B 166 -2.58 -2.74 21.46
N PHE B 189 1.11 3.89 17.51
CA PHE B 189 2.55 4.05 17.64
C PHE B 189 3.23 2.72 17.96
N PHE B 190 2.73 2.04 18.99
CA PHE B 190 3.34 0.80 19.46
C PHE B 190 3.18 -0.36 18.49
N THR B 191 2.21 -0.23 17.58
CA THR B 191 2.10 -1.11 16.41
C THR B 191 3.19 -0.80 15.37
N TRP B 192 3.42 0.48 15.05
CA TRP B 192 4.60 0.86 14.26
C TRP B 192 5.83 0.21 14.86
N PHE B 193 5.82 0.02 16.18
CA PHE B 193 6.97 -0.55 16.84
C PHE B 193 7.33 -1.95 16.37
N THR B 194 6.37 -2.88 16.42
CA THR B 194 6.57 -4.28 16.01
C THR B 194 7.03 -4.38 14.55
N GLY B 200 4.59 0.20 6.25
CA GLY B 200 6.02 0.45 6.15
C GLY B 200 6.56 1.07 7.43
N ALA B 201 7.52 0.39 8.07
CA ALA B 201 8.12 0.81 9.35
C ALA B 201 9.15 1.92 9.20
N ASP B 202 9.65 2.11 7.98
CA ASP B 202 10.74 3.06 7.72
C ASP B 202 10.31 4.51 7.44
N GLU B 203 9.02 4.74 7.20
CA GLU B 203 8.46 6.09 7.01
C GLU B 203 8.53 6.93 8.31
N LEU B 204 8.02 6.37 9.41
CA LEU B 204 8.13 7.03 10.73
C LEU B 204 9.60 7.07 11.22
N GLY B 205 10.33 5.99 10.95
CA GLY B 205 11.78 5.97 11.19
C GLY B 205 12.52 7.08 10.48
N GLU B 206 12.23 7.30 9.20
CA GLU B 206 12.89 8.39 8.47
C GLU B 206 12.40 9.75 8.94
N VAL B 207 11.11 9.86 9.24
CA VAL B 207 10.61 11.12 9.78
C VAL B 207 11.39 11.51 11.04
N ILE B 208 11.53 10.59 11.98
CA ILE B 208 12.26 10.89 13.21
C ILE B 208 13.73 11.18 12.90
N LYS B 209 14.39 10.30 12.12
CA LYS B 209 15.82 10.45 11.80
C LYS B 209 16.16 11.77 11.09
N ASP B 210 15.38 12.06 10.05
CA ASP B 210 15.65 13.14 9.11
C ASP B 210 14.95 14.49 9.37
N ASP B 211 13.69 14.45 9.88
CA ASP B 211 12.94 15.69 10.21
C ASP B 211 13.23 16.15 11.62
N ILE B 212 12.89 15.30 12.59
CA ILE B 212 12.87 15.71 13.98
C ILE B 212 14.23 15.72 14.62
N TRP B 213 15.00 14.65 14.41
CA TRP B 213 16.27 14.46 15.05
C TRP B 213 17.32 15.62 14.92
N PRO B 214 17.55 16.16 13.70
CA PRO B 214 18.57 17.23 13.54
C PRO B 214 18.25 18.50 14.34
N ASN B 215 16.97 18.82 14.47
CA ASN B 215 16.46 20.03 15.15
C ASN B 215 15.08 19.77 15.76
N PRO B 216 15.04 19.14 16.94
CA PRO B 216 13.73 18.83 17.52
C PRO B 216 13.01 20.06 18.06
N LEU B 217 13.77 21.11 18.42
CA LEU B 217 13.24 22.38 18.90
C LEU B 217 12.30 23.08 17.90
N GLN B 218 12.55 22.83 16.62
CA GLN B 218 11.70 23.33 15.57
C GLN B 218 10.21 22.93 15.77
N TYR B 219 9.99 21.77 16.40
CA TYR B 219 8.66 21.26 16.69
C TYR B 219 8.23 21.51 18.14
N TYR B 220 9.13 21.26 19.09
CA TYR B 220 8.90 21.61 20.49
C TYR B 220 8.31 23.02 20.70
N LEU B 221 8.94 24.01 20.09
CA LEU B 221 8.62 25.44 20.24
C LEU B 221 7.49 26.00 19.36
N VAL B 222 6.94 25.19 18.46
CA VAL B 222 6.00 25.67 17.41
C VAL B 222 4.75 24.79 17.36
N PRO B 223 3.70 25.17 18.14
CA PRO B 223 2.36 24.56 18.07
C PRO B 223 1.82 24.31 16.65
N MET C 1 -10.75 -53.13 -54.79
CA MET C 1 -10.65 -53.32 -53.32
C MET C 1 -9.23 -53.17 -52.74
N SER C 2 -8.23 -53.65 -53.47
CA SER C 2 -6.84 -53.65 -52.99
C SER C 2 -6.34 -52.24 -52.74
N ALA C 3 -6.56 -51.38 -53.73
CA ALA C 3 -6.10 -50.01 -53.67
C ALA C 3 -6.80 -49.25 -52.53
N GLN C 4 -8.09 -49.53 -52.35
CA GLN C 4 -8.94 -48.97 -51.31
C GLN C 4 -8.39 -49.32 -49.91
N ALA C 5 -8.10 -50.62 -49.72
CA ALA C 5 -7.55 -51.17 -48.48
C ALA C 5 -6.18 -50.62 -48.18
N ALA C 6 -5.43 -50.32 -49.23
CA ALA C 6 -4.10 -49.74 -49.12
C ALA C 6 -4.12 -48.33 -48.52
N LYS C 7 -5.00 -47.49 -49.07
CA LYS C 7 -5.23 -46.14 -48.51
C LYS C 7 -5.74 -46.19 -47.06
N VAL C 8 -6.75 -47.00 -46.81
CA VAL C 8 -7.27 -47.21 -45.45
C VAL C 8 -6.20 -47.62 -44.45
N SER C 9 -5.35 -48.55 -44.87
CA SER C 9 -4.32 -49.06 -43.99
C SER C 9 -3.27 -48.00 -43.74
N LYS C 10 -2.92 -47.25 -44.77
CA LYS C 10 -2.05 -46.08 -44.60
C LYS C 10 -2.67 -45.03 -43.66
N LYS C 11 -3.92 -44.66 -43.92
CA LYS C 11 -4.68 -43.73 -43.05
C LYS C 11 -4.77 -44.13 -41.55
N GLU C 12 -5.11 -45.38 -41.26
CA GLU C 12 -5.32 -45.84 -39.87
C GLU C 12 -4.05 -46.23 -39.16
N LEU C 13 -3.14 -46.86 -39.90
CA LEU C 13 -1.85 -47.31 -39.40
C LEU C 13 -0.78 -46.29 -39.72
N ASN C 14 -0.27 -46.29 -40.96
CA ASN C 14 0.85 -45.42 -41.35
C ASN C 14 0.89 -44.08 -40.57
N SER C 15 -0.25 -43.38 -40.51
CA SER C 15 -0.39 -42.19 -39.66
C SER C 15 0.00 -42.47 -38.20
N ASN C 16 -0.63 -43.49 -37.60
CA ASN C 16 -0.33 -43.94 -36.24
C ASN C 16 0.69 -45.08 -36.17
N ALA C 20 4.31 -42.42 -28.82
CA ALA C 20 4.37 -41.76 -27.52
C ALA C 20 3.26 -40.70 -27.38
N ASP C 21 3.03 -39.92 -28.46
CA ASP C 21 1.92 -38.97 -28.51
C ASP C 21 0.61 -39.68 -28.16
N GLU C 22 0.33 -40.76 -28.89
CA GLU C 22 -0.79 -41.70 -28.68
C GLU C 22 -1.02 -42.15 -27.21
N THR C 23 -0.09 -41.85 -26.30
CA THR C 23 -0.24 -42.23 -24.88
C THR C 23 -0.17 -41.03 -23.90
N SER C 24 0.64 -40.02 -24.23
CA SER C 24 0.81 -38.85 -23.38
C SER C 24 -0.40 -37.93 -23.53
N GLU C 25 -0.84 -37.76 -24.78
CA GLU C 25 -2.01 -36.96 -25.08
C GLU C 25 -3.26 -37.60 -24.53
N LYS C 26 -3.35 -38.91 -24.72
CA LYS C 26 -4.49 -39.65 -24.24
C LYS C 26 -4.52 -39.59 -22.72
N GLU C 27 -3.35 -39.56 -22.09
CA GLU C 27 -3.24 -39.53 -20.63
C GLU C 27 -3.79 -38.21 -20.08
N GLN C 28 -3.20 -37.13 -20.58
CA GLN C 28 -3.63 -35.74 -20.40
C GLN C 28 -5.19 -35.58 -20.52
N GLN C 29 -5.74 -36.04 -21.64
CA GLN C 29 -7.16 -35.89 -21.99
C GLN C 29 -8.09 -36.68 -21.11
N GLU C 30 -7.60 -37.81 -20.63
CA GLU C 30 -8.40 -38.69 -19.81
C GLU C 30 -8.34 -38.15 -18.41
N ALA C 31 -7.19 -37.62 -18.00
CA ALA C 31 -7.07 -36.92 -16.73
C ALA C 31 -8.06 -35.76 -16.63
N ILE C 32 -8.20 -34.98 -17.71
CA ILE C 32 -9.05 -33.76 -17.75
C ILE C 32 -10.49 -34.13 -17.53
N GLU C 33 -10.92 -35.21 -18.21
CA GLU C 33 -12.23 -35.80 -18.06
C GLU C 33 -12.49 -36.32 -16.64
N HIS C 34 -11.51 -36.99 -16.07
CA HIS C 34 -11.54 -37.42 -14.65
C HIS C 34 -11.55 -36.26 -13.64
N ILE C 35 -10.82 -35.18 -13.93
CA ILE C 35 -10.88 -33.98 -13.06
C ILE C 35 -12.27 -33.34 -13.12
N ASP C 36 -12.83 -33.26 -14.31
CA ASP C 36 -14.17 -32.75 -14.46
C ASP C 36 -15.19 -33.50 -13.62
N GLU C 37 -15.06 -34.82 -13.56
CA GLU C 37 -15.91 -35.67 -12.72
C GLU C 37 -15.82 -35.33 -11.23
N VAL C 38 -14.60 -35.23 -10.73
CA VAL C 38 -14.31 -34.79 -9.38
C VAL C 38 -14.82 -33.38 -9.13
N GLN C 39 -14.55 -32.43 -10.04
CA GLN C 39 -15.18 -31.09 -10.00
C GLN C 39 -16.67 -31.05 -9.80
N ASN C 40 -17.38 -31.98 -10.42
CA ASN C 40 -18.81 -32.06 -10.24
C ASN C 40 -19.15 -32.37 -8.80
N GLU C 41 -18.35 -33.19 -8.12
CA GLU C 41 -18.55 -33.42 -6.69
C GLU C 41 -18.20 -32.17 -5.88
N ILE C 42 -17.16 -31.45 -6.26
CA ILE C 42 -16.77 -30.22 -5.58
C ILE C 42 -17.83 -29.14 -5.72
N ASP C 43 -18.34 -29.00 -6.95
CA ASP C 43 -19.40 -28.02 -7.29
C ASP C 43 -20.67 -28.34 -6.53
N ARG C 44 -21.04 -29.62 -6.46
CA ARG C 44 -22.23 -30.00 -5.69
C ARG C 44 -22.09 -29.61 -4.21
N LEU C 45 -20.90 -29.73 -3.64
CA LEU C 45 -20.65 -29.37 -2.23
C LEU C 45 -20.68 -27.85 -1.99
N ASN C 46 -20.04 -27.11 -2.90
CA ASN C 46 -20.09 -25.65 -2.93
C ASN C 46 -21.50 -25.07 -2.97
N GLU C 47 -22.34 -25.68 -3.78
CA GLU C 47 -23.72 -25.35 -3.94
C GLU C 47 -24.56 -25.68 -2.72
N GLN C 48 -24.28 -26.79 -2.05
CA GLN C 48 -24.97 -27.08 -0.77
C GLN C 48 -24.54 -26.12 0.35
N ALA C 49 -23.25 -25.89 0.46
CA ALA C 49 -22.70 -24.85 1.37
C ALA C 49 -23.37 -23.47 1.21
N SER C 50 -23.34 -22.95 -0.02
CA SER C 50 -24.03 -21.73 -0.44
C SER C 50 -25.51 -21.75 -0.03
N GLU C 51 -26.26 -22.77 -0.42
CA GLU C 51 -27.64 -22.90 0.04
C GLU C 51 -27.73 -22.81 1.58
N GLU C 52 -26.89 -23.56 2.30
CA GLU C 52 -26.87 -23.48 3.80
C GLU C 52 -26.54 -22.06 4.28
N ILE C 53 -25.54 -21.43 3.70
CA ILE C 53 -25.19 -20.06 4.08
C ILE C 53 -26.36 -19.02 3.87
N LEU C 54 -27.03 -19.14 2.73
CA LEU C 54 -28.16 -18.29 2.39
C LEU C 54 -29.34 -18.50 3.34
N LYS C 55 -29.56 -19.72 3.85
CA LYS C 55 -30.63 -19.92 4.86
C LYS C 55 -30.32 -19.31 6.24
N VAL C 56 -29.05 -19.38 6.64
CA VAL C 56 -28.63 -18.73 7.86
C VAL C 56 -28.82 -17.20 7.68
N GLU C 57 -28.37 -16.65 6.55
CA GLU C 57 -28.40 -15.22 6.28
C GLU C 57 -29.82 -14.68 6.38
N GLN C 58 -30.73 -15.43 5.77
CA GLN C 58 -32.12 -15.15 5.70
C GLN C 58 -32.79 -15.23 7.09
N LYS C 59 -32.49 -16.27 7.86
CA LYS C 59 -32.97 -16.35 9.24
C LYS C 59 -32.52 -15.14 10.08
N TYR C 60 -31.24 -14.80 10.04
CA TYR C 60 -30.73 -13.72 10.89
C TYR C 60 -31.08 -12.32 10.36
N ASN C 61 -31.29 -12.19 9.07
CA ASN C 61 -31.75 -10.95 8.50
C ASN C 61 -33.16 -10.64 8.97
N LYS C 62 -34.05 -11.64 8.96
CA LYS C 62 -35.41 -11.47 9.44
C LYS C 62 -35.47 -11.12 10.93
N LEU C 63 -34.63 -11.79 11.71
CA LEU C 63 -34.57 -11.50 13.14
C LEU C 63 -34.03 -10.07 13.38
N ARG C 64 -33.09 -9.65 12.55
CA ARG C 64 -32.39 -8.40 12.75
C ARG C 64 -33.17 -7.21 12.27
N GLN C 65 -33.93 -7.36 11.18
CA GLN C 65 -34.63 -6.24 10.63
C GLN C 65 -35.44 -5.37 11.64
N PRO C 66 -36.32 -5.99 12.49
CA PRO C 66 -37.07 -5.13 13.40
C PRO C 66 -36.20 -4.34 14.38
N PHE C 67 -35.06 -4.88 14.80
CA PHE C 67 -34.18 -4.15 15.66
C PHE C 67 -33.54 -2.97 14.92
N PHE C 68 -33.13 -3.17 13.65
CA PHE C 68 -32.53 -2.04 12.90
C PHE C 68 -33.61 -0.98 12.62
N GLN C 69 -34.83 -1.40 12.25
CA GLN C 69 -35.96 -0.43 12.21
C GLN C 69 -36.20 0.34 13.50
N LYS C 70 -36.24 -0.36 14.62
CA LYS C 70 -36.40 0.32 15.88
C LYS C 70 -35.21 1.28 16.14
N ARG C 71 -34.01 0.85 15.81
CA ARG C 71 -32.81 1.67 16.04
C ARG C 71 -32.86 2.96 15.27
N SER C 72 -33.32 2.87 14.01
CA SER C 72 -33.59 4.07 13.21
C SER C 72 -34.59 5.00 13.77
N GLU C 73 -35.74 4.50 14.22
CA GLU C 73 -36.73 5.40 14.81
C GLU C 73 -36.11 6.09 16.03
N LEU C 74 -35.35 5.36 16.85
CA LEU C 74 -34.77 5.95 18.07
C LEU C 74 -33.73 7.04 17.76
N ILE C 75 -32.86 6.75 16.80
CA ILE C 75 -31.80 7.67 16.40
C ILE C 75 -32.34 9.05 15.98
N ALA C 76 -33.43 9.06 15.23
CA ALA C 76 -34.15 10.31 14.88
C ALA C 76 -34.55 11.22 16.06
N LYS C 77 -34.44 10.76 17.30
CA LYS C 77 -34.83 11.59 18.45
C LYS C 77 -33.60 12.19 19.09
N ILE C 78 -32.43 11.78 18.62
CA ILE C 78 -31.17 12.23 19.20
C ILE C 78 -30.63 13.23 18.21
N PRO C 79 -30.67 14.52 18.59
CA PRO C 79 -30.07 15.49 17.67
C PRO C 79 -28.57 15.22 17.62
N ASN C 80 -28.00 15.29 16.41
CA ASN C 80 -26.55 15.13 16.17
C ASN C 80 -25.95 13.72 16.25
N PHE C 81 -26.80 12.67 16.26
CA PHE C 81 -26.30 11.31 16.35
C PHE C 81 -25.30 11.02 15.26
N TRP C 82 -25.73 11.22 14.02
CA TRP C 82 -24.94 10.88 12.85
C TRP C 82 -23.70 11.76 12.61
N VAL C 83 -23.76 13.10 12.78
CA VAL C 83 -22.50 13.88 12.75
C VAL C 83 -21.50 13.35 13.75
N THR C 84 -21.93 13.21 15.01
CA THR C 84 -21.08 12.76 16.10
C THR C 84 -20.44 11.44 15.76
N THR C 85 -21.25 10.51 15.28
CA THR C 85 -20.78 9.20 14.86
C THR C 85 -19.72 9.29 13.75
N PHE C 86 -20.00 10.11 12.72
CA PHE C 86 -19.03 10.36 11.63
C PHE C 86 -17.74 11.06 12.08
N VAL C 87 -17.89 12.13 12.87
CA VAL C 87 -16.75 12.90 13.40
C VAL C 87 -15.88 11.98 14.26
N ASN C 88 -16.54 11.08 15.00
CA ASN C 88 -15.82 10.10 15.78
C ASN C 88 -15.26 8.94 14.94
N HIS C 89 -15.65 8.83 13.67
CA HIS C 89 -15.04 7.80 12.83
C HIS C 89 -13.70 8.23 12.21
N PRO C 90 -12.62 7.47 12.51
CA PRO C 90 -11.27 7.80 12.04
C PRO C 90 -11.19 8.10 10.54
N GLN C 91 -11.86 7.27 9.72
CA GLN C 91 -11.86 7.45 8.26
C GLN C 91 -12.81 8.52 7.74
N VAL C 92 -14.07 8.48 8.19
CA VAL C 92 -15.08 9.46 7.73
C VAL C 92 -14.75 10.86 8.24
N SER C 93 -14.22 10.95 9.46
CA SER C 93 -13.86 12.20 10.09
C SER C 93 -12.92 13.02 9.17
N ALA C 94 -11.90 12.37 8.64
CA ALA C 94 -10.94 12.95 7.72
C ALA C 94 -11.61 13.73 6.57
N LEU C 95 -12.82 13.32 6.22
CA LEU C 95 -13.48 13.79 5.02
C LEU C 95 -14.39 14.99 5.26
N LEU C 96 -14.66 15.28 6.53
CA LEU C 96 -15.61 16.31 6.90
C LEU C 96 -14.88 17.61 7.25
N GLY C 97 -14.84 18.54 6.31
CA GLY C 97 -14.44 19.91 6.61
C GLY C 97 -15.41 20.52 7.61
N GLU C 98 -14.96 21.55 8.32
CA GLU C 98 -15.76 22.22 9.37
C GLU C 98 -17.19 22.61 8.93
N GLU C 99 -17.31 22.90 7.61
CA GLU C 99 -18.57 23.35 6.99
C GLU C 99 -19.53 22.19 6.81
N ASP C 100 -18.97 21.05 6.45
CA ASP C 100 -19.74 19.86 6.23
C ASP C 100 -20.39 19.43 7.53
N GLU C 101 -19.65 19.56 8.63
CA GLU C 101 -20.18 19.25 9.97
C GLU C 101 -21.40 20.08 10.34
N GLU C 102 -21.34 21.39 10.05
CA GLU C 102 -22.44 22.32 10.24
C GLU C 102 -23.69 21.84 9.47
N ALA C 103 -23.49 21.43 8.22
CA ALA C 103 -24.58 20.91 7.42
C ALA C 103 -25.05 19.59 8.01
N MET C 104 -24.11 18.75 8.45
CA MET C 104 -24.44 17.43 9.02
C MET C 104 -25.23 17.52 10.32
N HIS C 105 -25.27 18.70 10.94
CA HIS C 105 -26.11 18.89 12.12
C HIS C 105 -27.60 18.77 11.76
N TYR C 106 -27.94 18.97 10.50
CA TYR C 106 -29.34 18.83 10.08
C TYR C 106 -29.69 17.41 9.60
N LEU C 107 -28.70 16.52 9.61
CA LEU C 107 -28.85 15.12 9.25
C LEU C 107 -29.53 14.39 10.39
N THR C 108 -30.78 13.96 10.19
CA THR C 108 -31.54 13.31 11.26
C THR C 108 -31.49 11.77 11.18
N ARG C 109 -31.17 11.27 9.98
CA ARG C 109 -31.39 9.83 9.71
C ARG C 109 -30.52 9.35 8.58
N VAL C 110 -29.78 8.29 8.84
CA VAL C 110 -29.05 7.56 7.80
C VAL C 110 -29.66 6.16 7.67
N GLU C 111 -29.80 5.71 6.43
CA GLU C 111 -30.39 4.41 6.15
C GLU C 111 -29.56 3.67 5.08
N VAL C 112 -29.03 2.51 5.45
CA VAL C 112 -28.32 1.62 4.53
C VAL C 112 -29.26 0.45 4.21
N THR C 113 -29.54 0.27 2.92
CA THR C 113 -30.37 -0.79 2.44
C THR C 113 -29.59 -1.54 1.40
N GLU C 114 -29.53 -2.87 1.53
CA GLU C 114 -28.77 -3.76 0.68
C GLU C 114 -29.78 -4.64 -0.03
N PHE C 115 -29.57 -4.87 -1.34
CA PHE C 115 -30.58 -5.58 -2.12
C PHE C 115 -30.28 -7.01 -2.49
N GLU C 116 -29.10 -7.49 -2.10
CA GLU C 116 -28.43 -8.62 -2.78
C GLU C 116 -29.25 -9.74 -3.52
N ASP C 117 -30.45 -10.13 -3.07
CA ASP C 117 -31.29 -11.05 -3.88
C ASP C 117 -31.83 -10.35 -5.13
N ILE C 118 -31.67 -10.98 -6.30
CA ILE C 118 -31.73 -10.27 -7.59
C ILE C 118 -30.89 -8.99 -7.40
N LYS C 119 -29.57 -9.22 -7.33
CA LYS C 119 -28.56 -8.26 -6.86
C LYS C 119 -28.60 -6.90 -7.57
N SER C 120 -28.69 -5.85 -6.76
CA SER C 120 -28.67 -4.46 -7.20
C SER C 120 -27.79 -3.62 -6.25
N GLY C 121 -26.81 -4.29 -5.61
CA GLY C 121 -25.92 -3.68 -4.66
C GLY C 121 -26.67 -3.13 -3.45
N TYR C 122 -26.44 -1.85 -3.17
CA TYR C 122 -26.95 -1.21 -1.96
C TYR C 122 -27.14 0.29 -2.15
N ARG C 123 -27.79 0.88 -1.15
CA ARG C 123 -28.17 2.27 -1.20
C ARG C 123 -27.99 2.92 0.19
N ILE C 124 -27.47 4.13 0.23
CA ILE C 124 -27.37 4.86 1.47
C ILE C 124 -28.20 6.11 1.32
N ASP C 125 -29.17 6.30 2.22
CA ASP C 125 -29.99 7.51 2.22
C ASP C 125 -29.66 8.41 3.41
N PHE C 126 -29.52 9.70 3.13
CA PHE C 126 -29.20 10.71 4.13
C PHE C 126 -30.39 11.71 4.28
N TYR C 127 -31.15 11.62 5.37
CA TYR C 127 -32.29 12.51 5.57
C TYR C 127 -31.93 13.77 6.30
N PHE C 128 -32.24 14.93 5.69
CA PHE C 128 -31.86 16.27 6.24
C PHE C 128 -33.09 17.11 6.60
N ASP C 129 -33.12 17.66 7.81
CA ASP C 129 -34.13 18.67 8.13
C ASP C 129 -33.92 19.91 7.30
N GLU C 130 -34.96 20.75 7.20
CA GLU C 130 -34.86 22.08 6.60
C GLU C 130 -33.59 22.81 7.06
N ASN C 131 -32.78 23.25 6.12
CA ASN C 131 -31.43 23.71 6.42
C ASN C 131 -30.96 24.84 5.47
N PRO C 132 -30.06 25.72 5.94
CA PRO C 132 -29.54 26.84 5.12
C PRO C 132 -28.82 26.42 3.83
N TYR C 133 -28.42 25.16 3.71
CA TYR C 133 -27.49 24.76 2.64
C TYR C 133 -28.12 24.27 1.31
N PHE C 134 -29.05 23.32 1.37
CA PHE C 134 -29.75 22.81 0.17
C PHE C 134 -31.24 22.51 0.41
N GLU C 135 -31.95 22.27 -0.69
CA GLU C 135 -33.41 22.10 -0.70
C GLU C 135 -33.82 20.65 -0.49
N ASN C 136 -32.91 19.73 -0.81
CA ASN C 136 -33.22 18.31 -0.75
C ASN C 136 -33.48 17.87 0.70
N LYS C 137 -34.61 17.20 0.89
CA LYS C 137 -34.93 16.53 2.13
C LYS C 137 -34.11 15.25 2.31
N VAL C 138 -33.66 14.66 1.20
CA VAL C 138 -32.95 13.38 1.20
C VAL C 138 -31.83 13.39 0.17
N LEU C 139 -30.62 13.08 0.61
CA LEU C 139 -29.50 12.82 -0.29
C LEU C 139 -29.17 11.33 -0.33
N SER C 140 -29.26 10.75 -1.52
CA SER C 140 -29.08 9.31 -1.64
C SER C 140 -27.96 8.99 -2.60
N LYS C 141 -27.29 7.88 -2.34
CA LYS C 141 -26.35 7.36 -3.26
C LYS C 141 -26.55 5.86 -3.35
N GLU C 142 -26.59 5.33 -4.57
CA GLU C 142 -26.69 3.89 -4.84
C GLU C 142 -25.40 3.39 -5.48
N PHE C 143 -25.09 2.14 -5.27
CA PHE C 143 -23.82 1.55 -5.65
C PHE C 143 -24.21 0.21 -6.20
N HIS C 144 -23.95 0.00 -7.50
CA HIS C 144 -24.30 -1.27 -8.08
C HIS C 144 -23.04 -2.13 -8.13
N SER C 152 -19.95 0.86 -10.22
CA SER C 152 -20.88 1.89 -10.71
C SER C 152 -21.71 2.54 -9.59
N SER C 153 -22.31 3.69 -9.91
CA SER C 153 -22.84 4.58 -8.87
C SER C 153 -23.84 5.56 -9.46
N LYS C 154 -24.94 5.78 -8.72
CA LYS C 154 -25.91 6.85 -9.01
C LYS C 154 -26.17 7.64 -7.73
N SER C 155 -26.42 8.94 -7.89
CA SER C 155 -26.41 9.84 -6.75
C SER C 155 -27.44 10.95 -6.91
N THR C 156 -27.91 11.51 -5.79
CA THR C 156 -28.86 12.63 -5.84
C THR C 156 -28.15 13.86 -6.36
N GLU C 157 -28.84 14.63 -7.22
CA GLU C 157 -28.37 15.96 -7.62
C GLU C 157 -28.79 16.93 -6.53
N ILE C 158 -27.80 17.55 -5.90
CA ILE C 158 -28.05 18.48 -4.80
C ILE C 158 -28.49 19.82 -5.38
N LYS C 159 -29.66 20.30 -4.94
CA LYS C 159 -30.12 21.62 -5.30
C LYS C 159 -29.69 22.60 -4.22
N TRP C 160 -28.43 23.02 -4.32
CA TRP C 160 -27.82 23.99 -3.41
C TRP C 160 -28.58 25.31 -3.40
N LYS C 161 -28.68 25.87 -2.12
CA LYS C 161 -29.30 27.18 -1.93
C LYS C 161 -28.33 28.29 -2.34
N SER C 162 -28.87 29.42 -2.80
CA SER C 162 -28.05 30.56 -3.22
C SER C 162 -26.81 30.81 -2.34
N GLY C 163 -25.64 30.86 -3.01
CA GLY C 163 -24.35 31.17 -2.37
C GLY C 163 -23.78 30.14 -1.40
N LYS C 164 -24.49 29.04 -1.19
CA LYS C 164 -24.11 28.02 -0.19
C LYS C 164 -23.34 26.82 -0.77
N ASP C 165 -23.43 26.61 -2.09
CA ASP C 165 -22.79 25.48 -2.79
C ASP C 165 -21.40 25.16 -2.24
N MET C 166 -21.23 23.93 -1.76
CA MET C 166 -19.97 23.50 -1.15
C MET C 166 -18.93 22.90 -2.11
N THR C 167 -19.41 22.32 -3.22
CA THR C 167 -18.52 21.73 -4.23
C THR C 167 -18.07 22.79 -5.24
N PHE C 189 -17.08 16.96 2.02
CA PHE C 189 -17.81 15.69 2.12
C PHE C 189 -18.80 15.52 0.98
N PHE C 190 -19.48 16.61 0.62
CA PHE C 190 -20.57 16.61 -0.35
C PHE C 190 -20.13 16.44 -1.81
N THR C 191 -18.82 16.43 -2.06
CA THR C 191 -18.25 16.04 -3.36
C THR C 191 -18.63 14.57 -3.66
N TRP C 192 -18.80 13.79 -2.58
CA TRP C 192 -19.17 12.38 -2.65
C TRP C 192 -20.41 12.12 -3.50
N PHE C 193 -21.28 13.11 -3.59
CA PHE C 193 -22.51 13.04 -4.37
C PHE C 193 -22.40 13.57 -5.81
N THR C 194 -21.18 13.74 -6.32
CA THR C 194 -20.98 14.15 -7.71
C THR C 194 -20.66 12.94 -8.59
N GLY C 200 -14.20 5.42 -7.13
CA GLY C 200 -13.40 5.55 -5.93
C GLY C 200 -14.28 5.67 -4.71
N ALA C 201 -15.51 6.14 -4.94
CA ALA C 201 -16.54 6.33 -3.89
C ALA C 201 -17.04 5.03 -3.24
N ASP C 202 -16.51 3.90 -3.73
CA ASP C 202 -16.74 2.59 -3.13
C ASP C 202 -16.22 2.59 -1.70
N GLU C 203 -15.02 3.14 -1.49
CA GLU C 203 -14.37 3.13 -0.18
C GLU C 203 -15.29 3.61 0.95
N LEU C 204 -15.68 4.88 0.93
CA LEU C 204 -16.56 5.45 1.96
C LEU C 204 -17.92 4.75 2.08
N GLY C 205 -18.51 4.40 0.93
CA GLY C 205 -19.73 3.61 0.88
C GLY C 205 -19.58 2.30 1.64
N GLU C 206 -18.44 1.64 1.45
CA GLU C 206 -18.13 0.41 2.16
C GLU C 206 -17.87 0.63 3.67
N VAL C 207 -17.23 1.74 4.03
CA VAL C 207 -17.01 2.08 5.44
C VAL C 207 -18.37 2.24 6.17
N ILE C 208 -19.25 3.05 5.59
CA ILE C 208 -20.61 3.27 6.11
C ILE C 208 -21.42 1.97 6.19
N LYS C 209 -21.43 1.19 5.12
CA LYS C 209 -22.18 -0.07 5.12
C LYS C 209 -21.66 -1.13 6.10
N ASP C 210 -20.34 -1.35 6.09
CA ASP C 210 -19.73 -2.53 6.67
C ASP C 210 -19.16 -2.27 8.04
N ASP C 211 -18.72 -1.04 8.25
CA ASP C 211 -18.14 -0.68 9.52
C ASP C 211 -19.17 0.06 10.40
N ILE C 212 -19.68 1.21 9.96
CA ILE C 212 -20.59 1.99 10.83
C ILE C 212 -22.02 1.45 11.00
N TRP C 213 -22.71 1.07 9.92
CA TRP C 213 -24.12 0.62 9.99
C TRP C 213 -24.46 -0.54 10.97
N PRO C 214 -23.65 -1.63 10.98
CA PRO C 214 -23.95 -2.70 11.93
C PRO C 214 -24.00 -2.22 13.38
N ASN C 215 -23.15 -1.24 13.70
CA ASN C 215 -23.04 -0.67 15.02
C ASN C 215 -22.51 0.76 15.00
N PRO C 216 -23.38 1.77 14.84
CA PRO C 216 -22.86 3.15 14.89
C PRO C 216 -22.54 3.64 16.31
N LEU C 217 -23.14 2.99 17.29
CA LEU C 217 -23.10 3.43 18.67
C LEU C 217 -21.70 3.33 19.25
N GLN C 218 -20.91 2.37 18.78
CA GLN C 218 -19.51 2.30 19.22
C GLN C 218 -18.74 3.57 18.82
N TYR C 219 -19.17 4.23 17.74
CA TYR C 219 -18.48 5.43 17.31
C TYR C 219 -19.07 6.64 17.98
N TYR C 220 -20.39 6.66 18.08
CA TYR C 220 -21.11 7.71 18.73
C TYR C 220 -20.63 7.96 20.16
N LEU C 221 -20.46 6.88 20.93
CA LEU C 221 -20.18 6.98 22.36
C LEU C 221 -18.74 7.35 22.67
N VAL C 222 -17.83 6.98 21.77
CA VAL C 222 -16.42 7.31 21.94
C VAL C 222 -15.92 8.04 20.69
N SER D 24 -37.14 16.32 28.67
CA SER D 24 -36.97 15.97 27.22
C SER D 24 -35.50 15.84 26.81
N GLU D 25 -34.60 16.47 27.57
CA GLU D 25 -33.17 16.18 27.48
C GLU D 25 -32.91 14.85 28.21
N LYS D 26 -33.90 14.42 28.98
CA LYS D 26 -33.87 13.16 29.73
C LYS D 26 -34.49 12.07 28.86
N GLU D 27 -35.46 12.45 28.04
CA GLU D 27 -36.10 11.49 27.15
C GLU D 27 -35.27 11.23 25.87
N GLN D 28 -34.24 12.06 25.65
CA GLN D 28 -33.22 11.73 24.64
C GLN D 28 -32.19 10.84 25.33
N GLN D 29 -32.04 11.05 26.64
CA GLN D 29 -31.26 10.16 27.47
C GLN D 29 -31.92 8.78 27.43
N GLU D 30 -33.26 8.74 27.40
CA GLU D 30 -33.99 7.49 27.40
C GLU D 30 -33.90 6.78 26.05
N ALA D 31 -33.93 7.56 24.99
CA ALA D 31 -33.79 7.09 23.65
C ALA D 31 -32.43 6.44 23.42
N ILE D 32 -31.36 6.99 24.02
CA ILE D 32 -29.99 6.49 23.80
C ILE D 32 -29.67 5.21 24.59
N GLU D 33 -30.20 5.09 25.81
CA GLU D 33 -30.10 3.83 26.54
C GLU D 33 -30.92 2.75 25.85
N HIS D 34 -32.06 3.14 25.29
CA HIS D 34 -32.87 2.24 24.49
C HIS D 34 -32.14 1.84 23.19
N ILE D 35 -31.40 2.76 22.58
CA ILE D 35 -30.58 2.48 21.41
C ILE D 35 -29.51 1.44 21.76
N ASP D 36 -28.88 1.65 22.90
CA ASP D 36 -27.91 0.74 23.46
C ASP D 36 -28.46 -0.68 23.66
N GLU D 37 -29.70 -0.83 24.14
CA GLU D 37 -30.33 -2.15 24.33
C GLU D 37 -30.62 -2.80 22.99
N VAL D 38 -31.12 -2.01 22.05
CA VAL D 38 -31.44 -2.51 20.73
C VAL D 38 -30.17 -2.99 20.01
N GLN D 39 -29.10 -2.21 20.13
CA GLN D 39 -27.79 -2.56 19.59
C GLN D 39 -27.17 -3.75 20.24
N ASN D 40 -27.38 -3.96 21.55
CA ASN D 40 -27.00 -5.21 22.15
C ASN D 40 -27.68 -6.45 21.52
N GLU D 41 -28.98 -6.37 21.28
CA GLU D 41 -29.69 -7.42 20.52
C GLU D 41 -29.14 -7.52 19.12
N ILE D 42 -28.97 -6.41 18.41
CA ILE D 42 -28.31 -6.48 17.12
C ILE D 42 -26.92 -7.17 17.16
N ASP D 43 -26.07 -6.75 18.10
CA ASP D 43 -24.69 -7.32 18.24
C ASP D 43 -24.74 -8.80 18.47
N ARG D 44 -25.70 -9.25 19.28
CA ARG D 44 -25.78 -10.66 19.58
C ARG D 44 -26.21 -11.47 18.35
N LEU D 45 -27.15 -10.93 17.56
CA LEU D 45 -27.60 -11.53 16.31
C LEU D 45 -26.51 -11.53 15.22
N ASN D 46 -25.70 -10.48 15.16
CA ASN D 46 -24.57 -10.42 14.25
C ASN D 46 -23.55 -11.55 14.53
N GLU D 47 -23.23 -11.74 15.82
CA GLU D 47 -22.35 -12.81 16.24
C GLU D 47 -22.91 -14.21 15.99
N GLN D 48 -24.19 -14.44 16.27
CA GLN D 48 -24.85 -15.73 15.98
C GLN D 48 -24.81 -16.09 14.52
N ALA D 49 -25.11 -15.12 13.66
CA ALA D 49 -25.11 -15.35 12.22
C ALA D 49 -23.72 -15.73 11.72
N SER D 50 -22.74 -14.93 12.10
CA SER D 50 -21.34 -15.12 11.79
C SER D 50 -20.77 -16.49 12.23
N GLU D 51 -21.16 -16.94 13.43
CA GLU D 51 -20.78 -18.23 13.98
C GLU D 51 -21.46 -19.36 13.23
N GLU D 52 -22.77 -19.23 12.89
CA GLU D 52 -23.48 -20.25 12.11
C GLU D 52 -22.87 -20.35 10.68
N ILE D 53 -22.43 -19.25 10.12
CA ILE D 53 -21.89 -19.31 8.77
C ILE D 53 -20.49 -19.95 8.77
N LEU D 54 -19.69 -19.62 9.77
CA LEU D 54 -18.39 -20.16 9.94
C LEU D 54 -18.47 -21.67 10.12
N LYS D 55 -19.44 -22.17 10.87
CA LYS D 55 -19.66 -23.57 11.02
C LYS D 55 -20.04 -24.27 9.72
N VAL D 56 -20.82 -23.62 8.85
CA VAL D 56 -21.11 -24.16 7.51
C VAL D 56 -19.81 -24.27 6.75
N GLU D 57 -18.95 -23.27 6.89
CA GLU D 57 -17.75 -23.29 6.09
C GLU D 57 -16.75 -24.33 6.61
N GLN D 58 -16.72 -24.54 7.91
CA GLN D 58 -15.88 -25.55 8.50
C GLN D 58 -16.37 -26.95 8.11
N LYS D 59 -17.68 -27.18 8.18
CA LYS D 59 -18.27 -28.42 7.72
C LYS D 59 -17.83 -28.78 6.29
N TYR D 60 -18.14 -27.90 5.33
CA TYR D 60 -17.88 -28.15 3.92
C TYR D 60 -16.40 -28.17 3.56
N ASN D 61 -15.56 -27.54 4.36
CA ASN D 61 -14.15 -27.62 4.13
C ASN D 61 -13.76 -29.10 4.38
N LYS D 62 -14.28 -29.72 5.45
CA LYS D 62 -14.03 -31.15 5.68
C LYS D 62 -14.53 -32.05 4.56
N LEU D 63 -15.74 -31.78 4.05
CA LEU D 63 -16.41 -32.67 3.08
C LEU D 63 -15.70 -32.71 1.74
N ARG D 64 -15.06 -31.58 1.40
CA ARG D 64 -14.37 -31.36 0.15
C ARG D 64 -12.97 -31.91 0.11
N GLN D 65 -12.34 -32.16 1.25
CA GLN D 65 -10.96 -32.63 1.34
C GLN D 65 -10.66 -33.88 0.53
N PRO D 66 -11.49 -34.95 0.59
CA PRO D 66 -11.16 -36.12 -0.27
C PRO D 66 -11.20 -35.87 -1.76
N PHE D 67 -12.06 -34.95 -2.19
CA PHE D 67 -12.08 -34.57 -3.60
C PHE D 67 -10.91 -33.74 -4.03
N PHE D 68 -10.48 -32.76 -3.23
CA PHE D 68 -9.24 -32.04 -3.54
C PHE D 68 -8.04 -32.94 -3.61
N GLN D 69 -7.95 -33.91 -2.68
CA GLN D 69 -6.85 -34.87 -2.74
C GLN D 69 -6.87 -35.67 -4.05
N LYS D 70 -8.02 -36.27 -4.37
CA LYS D 70 -8.19 -37.01 -5.60
C LYS D 70 -7.85 -36.16 -6.82
N ARG D 71 -8.30 -34.89 -6.81
CA ARG D 71 -8.01 -33.93 -7.89
C ARG D 71 -6.51 -33.59 -8.09
N SER D 72 -5.79 -33.38 -6.98
CA SER D 72 -4.31 -33.35 -6.98
C SER D 72 -3.61 -34.48 -7.70
N GLU D 73 -4.02 -35.72 -7.41
CA GLU D 73 -3.43 -36.89 -8.05
C GLU D 73 -3.66 -36.88 -9.57
N LEU D 74 -4.84 -36.44 -9.99
CA LEU D 74 -5.20 -36.35 -11.39
C LEU D 74 -4.42 -35.22 -12.08
N ILE D 75 -4.30 -34.06 -11.44
CA ILE D 75 -3.49 -32.94 -11.94
C ILE D 75 -2.01 -33.24 -12.18
N ALA D 76 -1.43 -34.15 -11.39
CA ALA D 76 -0.04 -34.62 -11.57
C ALA D 76 0.21 -35.36 -12.93
N LYS D 77 -0.89 -35.79 -13.56
CA LYS D 77 -0.87 -36.46 -14.84
C LYS D 77 -0.96 -35.51 -16.04
N ILE D 78 -1.16 -34.22 -15.76
CA ILE D 78 -1.17 -33.14 -16.76
C ILE D 78 0.06 -32.23 -16.59
N PRO D 79 1.02 -32.33 -17.53
CA PRO D 79 2.23 -31.50 -17.37
C PRO D 79 1.92 -30.04 -17.69
N ASN D 80 2.53 -29.13 -16.93
CA ASN D 80 2.32 -27.66 -17.04
C ASN D 80 0.90 -27.21 -16.67
N PHE D 81 0.14 -28.07 -16.00
CA PHE D 81 -1.23 -27.73 -15.59
C PHE D 81 -1.32 -26.35 -14.89
N TRP D 82 -0.44 -26.12 -13.91
CA TRP D 82 -0.55 -24.94 -13.04
C TRP D 82 -0.06 -23.66 -13.72
N VAL D 83 1.02 -23.76 -14.52
CA VAL D 83 1.47 -22.65 -15.36
C VAL D 83 0.36 -22.22 -16.33
N THR D 84 -0.09 -23.16 -17.15
CA THR D 84 -1.18 -22.91 -18.09
C THR D 84 -2.37 -22.25 -17.37
N THR D 85 -2.73 -22.77 -16.19
CA THR D 85 -3.84 -22.22 -15.40
C THR D 85 -3.59 -20.75 -14.99
N PHE D 86 -2.36 -20.47 -14.55
CA PHE D 86 -1.98 -19.13 -14.11
C PHE D 86 -1.84 -18.18 -15.29
N VAL D 87 -1.25 -18.66 -16.37
CA VAL D 87 -1.12 -17.94 -17.64
C VAL D 87 -2.48 -17.57 -18.24
N ASN D 88 -3.51 -18.37 -17.98
CA ASN D 88 -4.83 -18.17 -18.56
C ASN D 88 -5.77 -17.39 -17.66
N HIS D 89 -5.28 -17.07 -16.46
CA HIS D 89 -5.97 -16.17 -15.56
C HIS D 89 -5.51 -14.73 -15.78
N PRO D 90 -6.45 -13.81 -16.06
CA PRO D 90 -6.06 -12.45 -16.43
C PRO D 90 -5.22 -11.77 -15.32
N GLN D 91 -5.53 -12.05 -14.05
CA GLN D 91 -4.87 -11.37 -12.94
C GLN D 91 -3.48 -11.90 -12.58
N VAL D 92 -3.33 -13.22 -12.61
CA VAL D 92 -2.05 -13.87 -12.26
C VAL D 92 -1.02 -13.73 -13.38
N SER D 93 -1.49 -13.66 -14.62
CA SER D 93 -0.64 -13.36 -15.78
C SER D 93 0.16 -12.09 -15.58
N ALA D 94 -0.47 -11.10 -14.94
CA ALA D 94 0.18 -9.82 -14.65
C ALA D 94 1.49 -10.03 -13.87
N LEU D 95 1.45 -10.90 -12.86
CA LEU D 95 2.62 -11.19 -12.04
C LEU D 95 3.48 -12.34 -12.58
N LEU D 96 3.72 -12.35 -13.89
CA LEU D 96 4.44 -13.44 -14.54
C LEU D 96 5.43 -12.91 -15.58
N GLY D 97 6.61 -12.48 -15.11
CA GLY D 97 7.66 -11.99 -15.97
C GLY D 97 8.34 -13.10 -16.75
N GLU D 98 9.58 -12.85 -17.16
CA GLU D 98 10.34 -13.77 -18.01
C GLU D 98 10.59 -15.14 -17.41
N GLU D 99 11.47 -15.22 -16.42
CA GLU D 99 11.87 -16.48 -15.83
C GLU D 99 10.97 -16.85 -14.63
N ASP D 100 9.82 -16.17 -14.56
CA ASP D 100 8.73 -16.54 -13.64
C ASP D 100 7.86 -17.59 -14.32
N GLU D 101 7.45 -17.32 -15.56
CA GLU D 101 6.82 -18.35 -16.39
C GLU D 101 7.74 -19.57 -16.57
N GLU D 102 9.03 -19.32 -16.76
CA GLU D 102 10.01 -20.39 -16.98
C GLU D 102 10.20 -21.24 -15.71
N ALA D 103 10.27 -20.59 -14.55
CA ALA D 103 10.42 -21.27 -13.28
C ALA D 103 9.16 -22.07 -12.99
N MET D 104 8.02 -21.50 -13.38
CA MET D 104 6.69 -22.07 -13.19
C MET D 104 6.48 -23.35 -13.98
N HIS D 105 7.34 -23.63 -14.95
CA HIS D 105 7.28 -24.89 -15.68
C HIS D 105 7.64 -26.04 -14.76
N TYR D 106 8.47 -25.75 -13.77
CA TYR D 106 8.83 -26.74 -12.77
C TYR D 106 7.75 -26.90 -11.66
N LEU D 107 6.66 -26.13 -11.75
CA LEU D 107 5.59 -26.16 -10.76
C LEU D 107 4.71 -27.38 -11.00
N THR D 108 4.68 -28.26 -10.02
CA THR D 108 4.12 -29.58 -10.14
C THR D 108 2.70 -29.67 -9.54
N ARG D 109 2.51 -28.94 -8.45
CA ARG D 109 1.37 -29.14 -7.56
C ARG D 109 1.15 -27.83 -6.86
N VAL D 110 -0.11 -27.41 -6.82
CA VAL D 110 -0.50 -26.32 -5.92
C VAL D 110 -1.52 -26.91 -4.97
N GLU D 111 -1.32 -26.65 -3.67
CA GLU D 111 -2.31 -26.97 -2.64
C GLU D 111 -2.66 -25.74 -1.85
N VAL D 112 -3.96 -25.45 -1.75
CA VAL D 112 -4.48 -24.41 -0.84
C VAL D 112 -5.06 -25.15 0.35
N THR D 113 -4.66 -24.77 1.56
CA THR D 113 -5.20 -25.37 2.78
C THR D 113 -5.79 -24.27 3.65
N GLU D 114 -7.06 -24.44 3.99
CA GLU D 114 -7.68 -23.62 4.98
C GLU D 114 -7.60 -24.34 6.30
N PHE D 115 -7.08 -23.62 7.28
CA PHE D 115 -6.98 -24.11 8.64
C PHE D 115 -8.37 -24.60 9.08
N GLU D 116 -8.42 -25.61 9.96
CA GLU D 116 -9.69 -26.25 10.36
C GLU D 116 -10.83 -25.29 10.78
N ASP D 117 -10.50 -24.27 11.57
CA ASP D 117 -11.49 -23.34 12.07
C ASP D 117 -11.85 -22.27 11.06
N ILE D 118 -11.17 -22.27 9.91
CA ILE D 118 -11.45 -21.35 8.79
C ILE D 118 -11.03 -19.92 9.11
N LYS D 119 -11.32 -19.52 10.34
CA LYS D 119 -11.06 -18.18 10.87
C LYS D 119 -9.56 -17.87 10.94
N SER D 120 -8.75 -18.89 11.23
CA SER D 120 -7.28 -18.72 11.43
C SER D 120 -6.53 -18.22 10.19
N GLY D 121 -7.09 -18.46 9.01
CA GLY D 121 -6.45 -18.10 7.76
C GLY D 121 -6.23 -19.33 6.90
N TYR D 122 -5.15 -19.31 6.12
CA TYR D 122 -4.91 -20.36 5.11
C TYR D 122 -3.46 -20.43 4.64
N ARG D 123 -3.10 -21.51 3.95
CA ARG D 123 -1.72 -21.69 3.42
C ARG D 123 -1.79 -22.05 1.94
N ILE D 124 -0.82 -21.58 1.17
CA ILE D 124 -0.69 -22.01 -0.25
C ILE D 124 0.67 -22.65 -0.41
N ASP D 125 0.69 -23.91 -0.84
CA ASP D 125 1.93 -24.65 -1.08
C ASP D 125 2.17 -24.79 -2.58
N PHE D 126 3.39 -24.48 -3.01
CA PHE D 126 3.78 -24.58 -4.41
C PHE D 126 4.91 -25.61 -4.49
N TYR D 127 4.66 -26.74 -5.14
CA TYR D 127 5.69 -27.75 -5.28
C TYR D 127 6.47 -27.62 -6.59
N PHE D 128 7.79 -27.61 -6.46
CA PHE D 128 8.66 -27.50 -7.62
C PHE D 128 9.59 -28.72 -7.79
N ASP D 129 9.57 -29.32 -8.98
CA ASP D 129 10.63 -30.28 -9.38
C ASP D 129 11.99 -29.62 -9.38
N GLU D 130 13.05 -30.44 -9.26
CA GLU D 130 14.44 -29.98 -9.27
C GLU D 130 14.62 -28.94 -10.40
N ASN D 131 15.20 -27.80 -10.06
CA ASN D 131 15.25 -26.67 -11.00
C ASN D 131 16.51 -25.80 -10.83
N PRO D 132 16.91 -25.08 -11.90
CA PRO D 132 18.14 -24.28 -11.81
C PRO D 132 18.03 -23.22 -10.71
N TYR D 133 16.83 -22.65 -10.57
CA TYR D 133 16.57 -21.43 -9.79
C TYR D 133 16.79 -21.55 -8.27
N PHE D 134 16.09 -22.47 -7.63
CA PHE D 134 16.26 -22.70 -6.19
C PHE D 134 16.23 -24.19 -5.89
N GLU D 135 16.66 -24.55 -4.68
CA GLU D 135 16.66 -25.94 -4.29
C GLU D 135 15.48 -26.33 -3.39
N ASN D 136 14.56 -25.38 -3.14
CA ASN D 136 13.35 -25.66 -2.35
C ASN D 136 12.40 -26.59 -3.10
N LYS D 137 11.98 -27.66 -2.45
CA LYS D 137 11.02 -28.55 -3.06
C LYS D 137 9.61 -28.00 -2.98
N VAL D 138 9.29 -27.40 -1.84
CA VAL D 138 8.04 -26.70 -1.61
C VAL D 138 8.26 -25.23 -1.25
N LEU D 139 7.53 -24.34 -1.93
CA LEU D 139 7.41 -22.97 -1.49
C LEU D 139 6.01 -22.76 -0.88
N SER D 140 5.95 -22.28 0.35
CA SER D 140 4.71 -22.07 1.09
C SER D 140 4.58 -20.63 1.52
N LYS D 141 3.37 -20.11 1.39
CA LYS D 141 3.03 -18.84 1.97
C LYS D 141 1.80 -19.08 2.85
N GLU D 142 1.95 -18.77 4.14
CA GLU D 142 0.89 -18.86 5.12
C GLU D 142 0.28 -17.50 5.41
N PHE D 143 -1.05 -17.42 5.42
CA PHE D 143 -1.75 -16.21 5.85
C PHE D 143 -2.52 -16.39 7.16
N HIS D 144 -2.36 -15.41 8.07
CA HIS D 144 -3.08 -15.37 9.36
C HIS D 144 -3.91 -14.10 9.49
N SER D 152 -1.33 -11.11 9.37
CA SER D 152 0.03 -11.67 9.31
C SER D 152 0.29 -12.49 8.04
N SER D 153 1.57 -12.72 7.76
CA SER D 153 2.01 -13.45 6.58
C SER D 153 3.37 -14.07 6.84
N LYS D 154 3.53 -15.32 6.41
CA LYS D 154 4.80 -16.02 6.59
C LYS D 154 5.11 -16.82 5.34
N SER D 155 6.34 -16.68 4.87
CA SER D 155 6.77 -17.29 3.61
C SER D 155 8.07 -18.07 3.82
N THR D 156 8.14 -19.27 3.22
CA THR D 156 9.37 -20.07 3.27
C THR D 156 10.52 -19.27 2.68
N GLU D 157 11.68 -19.37 3.31
CA GLU D 157 12.90 -18.70 2.88
C GLU D 157 13.45 -19.44 1.65
N ILE D 158 13.50 -18.74 0.51
CA ILE D 158 13.94 -19.36 -0.74
C ILE D 158 15.46 -19.51 -0.79
N LYS D 159 15.89 -20.76 -0.95
CA LYS D 159 17.30 -21.10 -1.07
C LYS D 159 17.74 -21.07 -2.53
N TRP D 160 17.99 -19.86 -3.03
CA TRP D 160 18.62 -19.65 -4.36
C TRP D 160 19.99 -20.32 -4.44
N PHE D 189 6.11 -12.30 -9.17
CA PHE D 189 5.60 -13.48 -8.46
C PHE D 189 6.42 -13.82 -7.21
N PHE D 190 7.74 -13.89 -7.36
CA PHE D 190 8.61 -14.16 -6.21
C PHE D 190 8.75 -12.92 -5.31
N THR D 191 8.48 -11.74 -5.87
CA THR D 191 8.39 -10.50 -5.08
C THR D 191 7.03 -10.38 -4.36
N TRP D 192 6.02 -11.14 -4.83
CA TRP D 192 4.78 -11.34 -4.08
C TRP D 192 5.01 -12.39 -3.01
N PHE D 193 5.95 -13.29 -3.25
CA PHE D 193 6.25 -14.36 -2.31
C PHE D 193 6.94 -13.85 -1.03
N THR D 194 7.73 -12.78 -1.15
CA THR D 194 8.38 -12.14 0.01
C THR D 194 7.35 -11.41 0.89
N ALA D 201 0.07 -8.78 -0.28
CA ALA D 201 0.03 -10.22 0.03
C ALA D 201 -1.39 -10.79 -0.10
N ASP D 202 -2.34 -10.05 0.48
CA ASP D 202 -3.78 -10.37 0.46
C ASP D 202 -4.23 -10.80 -0.93
N GLU D 203 -4.01 -9.95 -1.92
CA GLU D 203 -4.71 -10.00 -3.22
C GLU D 203 -4.51 -11.26 -4.06
N LEU D 204 -3.27 -11.59 -4.43
CA LEU D 204 -3.01 -12.78 -5.22
C LEU D 204 -3.31 -14.06 -4.42
N GLY D 205 -3.00 -14.03 -3.12
CA GLY D 205 -3.41 -15.09 -2.21
C GLY D 205 -4.90 -15.37 -2.27
N GLU D 206 -5.72 -14.31 -2.38
CA GLU D 206 -7.17 -14.48 -2.42
C GLU D 206 -7.65 -14.91 -3.81
N VAL D 207 -6.99 -14.44 -4.87
CA VAL D 207 -7.34 -14.86 -6.23
C VAL D 207 -7.15 -16.37 -6.37
N ILE D 208 -6.00 -16.86 -5.92
CA ILE D 208 -5.71 -18.28 -5.96
C ILE D 208 -6.73 -19.07 -5.14
N LYS D 209 -6.96 -18.64 -3.90
CA LYS D 209 -7.84 -19.34 -2.96
C LYS D 209 -9.32 -19.38 -3.39
N ASP D 210 -9.84 -18.24 -3.84
CA ASP D 210 -11.27 -18.07 -4.07
C ASP D 210 -11.69 -18.20 -5.53
N ASP D 211 -10.75 -17.93 -6.43
CA ASP D 211 -11.07 -17.97 -7.84
C ASP D 211 -10.58 -19.25 -8.50
N ILE D 212 -9.29 -19.48 -8.40
CA ILE D 212 -8.65 -20.57 -9.13
C ILE D 212 -8.89 -21.91 -8.48
N TRP D 213 -8.64 -21.99 -7.16
CA TRP D 213 -8.65 -23.22 -6.42
C TRP D 213 -9.95 -24.04 -6.48
N PRO D 214 -11.11 -23.38 -6.34
CA PRO D 214 -12.35 -24.16 -6.40
C PRO D 214 -12.50 -24.97 -7.70
N ASN D 215 -11.96 -24.42 -8.78
CA ASN D 215 -12.17 -24.95 -10.13
C ASN D 215 -11.14 -24.41 -11.10
N PRO D 216 -9.91 -24.98 -11.08
CA PRO D 216 -8.81 -24.58 -11.96
C PRO D 216 -9.02 -24.85 -13.46
N LEU D 217 -9.82 -25.86 -13.80
CA LEU D 217 -10.19 -26.21 -15.17
C LEU D 217 -10.81 -25.09 -15.98
N GLN D 218 -11.53 -24.21 -15.31
CA GLN D 218 -12.15 -23.08 -15.93
C GLN D 218 -11.10 -22.15 -16.56
N TYR D 219 -9.88 -22.21 -16.04
CA TYR D 219 -8.76 -21.42 -16.57
C TYR D 219 -7.83 -22.25 -17.42
N TYR D 220 -7.45 -23.41 -16.91
CA TYR D 220 -6.66 -24.36 -17.68
C TYR D 220 -7.21 -24.55 -19.11
N LEU D 221 -8.52 -24.82 -19.23
CA LEU D 221 -9.19 -25.14 -20.51
C LEU D 221 -9.61 -23.94 -21.41
N VAL D 222 -9.56 -22.73 -20.87
CA VAL D 222 -10.02 -21.52 -21.56
C VAL D 222 -8.87 -20.53 -21.78
N PRO D 223 -8.12 -20.68 -22.90
CA PRO D 223 -7.11 -19.68 -23.28
C PRO D 223 -7.77 -18.37 -23.69
#